data_1JS1
#
_entry.id   1JS1
#
_cell.length_a   153.411
_cell.length_b   153.411
_cell.length_c   94.842
_cell.angle_alpha   90.00
_cell.angle_beta   90.00
_cell.angle_gamma   90.00
#
_symmetry.space_group_name_H-M   'P 43 21 2'
#
loop_
_entity.id
_entity.type
_entity.pdbx_description
1 polymer Transcarbamylase
2 non-polymer 'PHOSPHATE ION'
3 water water
#
_entity_poly.entity_id   1
_entity_poly.type   'polypeptide(L)'
_entity_poly.pdbx_seq_one_letter_code
;MKKFTCVQDIGDLKSALAESFEIKKDRFKYVELGRNKTLLMIFFNSSLRTRLSTQKAALNLGMNVIVLDINQGAWKLETE
RGVIMDGDKPEHLLEAIPVMGCYCDIIGVRSFARFENREYDYNEVIINQFIQHSGRPVFSMEAATRHPLQSFADLITIEE
YKKTARPKVVMTWAPHPRPLPQAVPNSFAEWMNATDYEFVITHPEGYELDPKFVGNARVEYDQMKAFEGADFIYAKNWAA
YTGDNYGQILSTDRNWTVGDRQMAVTNNAYFMHCLPVRRNMIVTDDVIESPQSIVIPEAANREISATVVLKRLLENLPHH
HHHH
;
_entity_poly.pdbx_strand_id   X,Y,Z
#
loop_
_chem_comp.id
_chem_comp.type
_chem_comp.name
_chem_comp.formula
PO4 non-polymer 'PHOSPHATE ION' 'O4 P -3'
#
# COMPACT_ATOMS: atom_id res chain seq x y z
N MET A 1 21.24 21.05 0.89
CA MET A 1 20.00 20.80 0.11
C MET A 1 18.80 21.02 1.02
N LYS A 2 17.93 21.96 0.64
CA LYS A 2 16.76 22.29 1.44
C LYS A 2 15.49 21.71 0.82
N LYS A 3 15.64 21.18 -0.40
CA LYS A 3 14.54 20.61 -1.17
C LYS A 3 15.21 20.07 -2.44
N PHE A 4 14.49 19.26 -3.19
CA PHE A 4 15.06 18.75 -4.44
C PHE A 4 14.01 18.80 -5.54
N THR A 5 13.97 19.93 -6.25
CA THR A 5 13.02 20.12 -7.33
C THR A 5 13.68 20.49 -8.65
N CYS A 6 14.92 20.98 -8.58
CA CYS A 6 15.64 21.41 -9.79
C CYS A 6 17.13 21.17 -9.64
N VAL A 7 17.89 21.26 -10.74
CA VAL A 7 19.33 21.01 -10.70
C VAL A 7 20.07 21.85 -9.67
N GLN A 8 19.63 23.10 -9.47
CA GLN A 8 20.34 23.95 -8.51
C GLN A 8 20.45 23.33 -7.10
N ASP A 9 19.41 22.61 -6.70
CA ASP A 9 19.40 21.97 -5.40
C ASP A 9 20.55 21.00 -5.10
N ILE A 10 21.08 20.33 -6.12
CA ILE A 10 22.14 19.34 -5.91
C ILE A 10 23.53 19.96 -5.72
N GLY A 11 23.67 21.26 -5.98
CA GLY A 11 24.96 21.90 -5.80
C GLY A 11 26.03 21.46 -6.79
N ASP A 12 27.29 21.38 -6.34
CA ASP A 12 28.37 20.97 -7.24
C ASP A 12 28.11 19.57 -7.82
N LEU A 13 28.06 19.46 -9.15
CA LEU A 13 27.81 18.16 -9.75
C LEU A 13 28.91 17.15 -9.46
N LYS A 14 30.15 17.63 -9.30
CA LYS A 14 31.25 16.69 -9.05
C LYS A 14 31.09 15.81 -7.80
N SER A 15 30.80 16.41 -6.65
CA SER A 15 30.64 15.60 -5.44
C SER A 15 29.35 14.77 -5.54
N ALA A 16 28.35 15.31 -6.25
CA ALA A 16 27.09 14.58 -6.40
C ALA A 16 27.36 13.29 -7.18
N LEU A 17 28.17 13.42 -8.23
CA LEU A 17 28.52 12.27 -9.03
C LEU A 17 29.42 11.31 -8.27
N ALA A 18 30.35 11.85 -7.49
CA ALA A 18 31.24 11.02 -6.70
C ALA A 18 30.38 10.16 -5.78
N GLU A 19 29.41 10.78 -5.14
CA GLU A 19 28.53 10.05 -4.25
C GLU A 19 27.74 8.97 -4.96
N SER A 20 27.29 9.27 -6.17
CA SER A 20 26.52 8.34 -6.97
C SER A 20 27.28 7.04 -7.27
N PHE A 21 28.51 7.18 -7.75
CA PHE A 21 29.28 6.00 -8.07
C PHE A 21 29.76 5.21 -6.87
N GLU A 22 29.97 5.90 -5.76
CA GLU A 22 30.35 5.23 -4.52
C GLU A 22 29.15 4.34 -4.12
N ILE A 23 27.94 4.87 -4.25
CA ILE A 23 26.76 4.12 -3.88
C ILE A 23 26.44 2.99 -4.88
N LYS A 24 26.71 3.22 -6.18
CA LYS A 24 26.48 2.18 -7.16
C LYS A 24 27.35 0.96 -6.81
N LYS A 25 28.57 1.19 -6.32
CA LYS A 25 29.46 0.06 -5.96
C LYS A 25 29.29 -0.49 -4.56
N ASP A 26 28.71 0.27 -3.65
CA ASP A 26 28.53 -0.20 -2.25
C ASP A 26 27.15 0.31 -1.87
N ARG A 27 26.12 -0.40 -2.33
CA ARG A 27 24.75 0.05 -2.19
C ARG A 27 24.24 0.37 -0.81
N PHE A 28 24.68 -0.39 0.19
CA PHE A 28 24.22 -0.14 1.55
C PHE A 28 25.25 0.48 2.45
N LYS A 29 26.21 1.19 1.86
CA LYS A 29 27.26 1.82 2.67
C LYS A 29 26.65 2.79 3.68
N TYR A 30 25.55 3.45 3.33
CA TYR A 30 24.89 4.42 4.21
C TYR A 30 23.55 3.92 4.81
N VAL A 31 23.42 2.61 4.98
CA VAL A 31 22.19 2.04 5.49
C VAL A 31 21.84 2.49 6.91
N GLU A 32 22.83 2.96 7.66
CA GLU A 32 22.56 3.42 9.02
C GLU A 32 22.13 4.88 9.05
N LEU A 33 22.38 5.60 7.96
CA LEU A 33 22.05 7.01 7.93
C LEU A 33 20.57 7.33 8.11
N GLY A 34 19.68 6.50 7.57
CA GLY A 34 18.27 6.79 7.70
C GLY A 34 17.51 6.05 8.79
N ARG A 35 18.27 5.39 9.67
CA ARG A 35 17.70 4.62 10.76
C ARG A 35 16.75 5.51 11.60
N ASN A 36 15.52 5.04 11.81
CA ASN A 36 14.49 5.78 12.56
C ASN A 36 14.10 7.13 11.93
N LYS A 37 14.33 7.26 10.63
CA LYS A 37 13.97 8.46 9.88
C LYS A 37 12.91 7.94 8.91
N THR A 38 11.84 8.71 8.76
CA THR A 38 10.71 8.26 7.95
C THR A 38 10.42 9.06 6.69
N LEU A 39 10.26 8.36 5.57
CA LEU A 39 9.95 8.98 4.29
C LEU A 39 8.47 8.81 3.97
N LEU A 40 7.81 9.92 3.60
CA LEU A 40 6.43 9.89 3.19
C LEU A 40 6.43 10.17 1.67
N MET A 41 5.96 9.19 0.92
CA MET A 41 5.88 9.31 -0.54
C MET A 41 4.42 9.51 -0.87
N ILE A 42 4.12 10.62 -1.54
CA ILE A 42 2.74 10.92 -1.90
C ILE A 42 2.53 10.97 -3.41
N PHE A 43 1.61 10.16 -3.91
CA PHE A 43 1.35 10.17 -5.35
C PHE A 43 -0.02 10.76 -5.67
N PHE A 44 -0.04 11.85 -6.44
CA PHE A 44 -1.31 12.45 -6.84
C PHE A 44 -1.71 11.92 -8.20
N ASN A 45 -0.85 11.04 -8.72
CA ASN A 45 -1.03 10.42 -10.03
C ASN A 45 -0.23 9.12 -9.90
N SER A 46 -0.95 7.99 -9.95
CA SER A 46 -0.32 6.68 -9.78
C SER A 46 0.91 6.40 -10.64
N SER A 47 1.88 5.72 -10.01
CA SER A 47 3.11 5.34 -10.65
C SER A 47 3.46 3.94 -10.17
N LEU A 48 4.38 3.29 -10.89
CA LEU A 48 4.82 1.96 -10.52
C LEU A 48 6.34 2.04 -10.60
N ARG A 49 6.83 2.77 -11.58
CA ARG A 49 8.27 2.95 -11.79
C ARG A 49 8.94 3.81 -10.68
N THR A 50 8.49 5.05 -10.55
CA THR A 50 9.05 5.96 -9.56
C THR A 50 8.76 5.42 -8.15
N ARG A 51 7.62 4.77 -8.00
CA ARG A 51 7.24 4.19 -6.71
C ARG A 51 8.31 3.16 -6.26
N LEU A 52 8.61 2.22 -7.13
CA LEU A 52 9.59 1.19 -6.85
C LEU A 52 11.03 1.71 -6.64
N SER A 53 11.52 2.51 -7.58
CA SER A 53 12.89 3.00 -7.45
C SER A 53 13.07 3.91 -6.22
N THR A 54 12.06 4.70 -5.87
CA THR A 54 12.20 5.60 -4.72
C THR A 54 12.20 4.79 -3.43
N GLN A 55 11.32 3.80 -3.37
CA GLN A 55 11.24 2.95 -2.18
C GLN A 55 12.54 2.20 -1.98
N LYS A 56 13.06 1.62 -3.05
CA LYS A 56 14.32 0.89 -2.94
C LYS A 56 15.44 1.80 -2.44
N ALA A 57 15.48 3.05 -2.93
CA ALA A 57 16.50 4.01 -2.51
C ALA A 57 16.44 4.27 -1.01
N ALA A 58 15.22 4.51 -0.51
CA ALA A 58 15.03 4.75 0.93
C ALA A 58 15.56 3.58 1.79
N LEU A 59 15.27 2.36 1.33
CA LEU A 59 15.72 1.14 1.99
C LEU A 59 17.26 1.05 1.96
N ASN A 60 17.89 1.66 0.96
CA ASN A 60 19.36 1.63 0.89
C ASN A 60 19.94 2.42 2.04
N LEU A 61 19.13 3.33 2.57
CA LEU A 61 19.49 4.22 3.65
C LEU A 61 18.86 3.86 5.01
N GLY A 62 18.27 2.67 5.12
CA GLY A 62 17.68 2.22 6.37
C GLY A 62 16.45 2.97 6.87
N MET A 63 15.80 3.70 5.99
CA MET A 63 14.63 4.51 6.32
C MET A 63 13.33 3.73 6.39
N ASN A 64 12.40 4.28 7.17
CA ASN A 64 11.06 3.71 7.24
C ASN A 64 10.39 4.44 6.06
N VAL A 65 9.46 3.76 5.40
CA VAL A 65 8.78 4.35 4.27
C VAL A 65 7.27 4.19 4.44
N ILE A 66 6.56 5.26 4.13
CA ILE A 66 5.10 5.27 4.17
C ILE A 66 4.67 5.82 2.81
N VAL A 67 3.83 5.08 2.11
CA VAL A 67 3.39 5.54 0.82
C VAL A 67 1.91 5.89 0.88
N LEU A 68 1.53 7.00 0.26
CA LEU A 68 0.12 7.39 0.21
C LEU A 68 -0.25 7.68 -1.24
N ASP A 69 -1.38 7.12 -1.68
CA ASP A 69 -1.89 7.39 -3.01
C ASP A 69 -3.17 8.20 -2.87
N ILE A 70 -3.18 9.39 -3.45
CA ILE A 70 -4.33 10.26 -3.35
C ILE A 70 -4.88 10.57 -4.73
N ASN A 71 -6.14 10.27 -4.97
CA ASN A 71 -6.72 10.57 -6.28
C ASN A 71 -7.16 12.03 -6.34
N GLN A 72 -7.23 12.59 -7.54
CA GLN A 72 -7.65 13.98 -7.72
C GLN A 72 -8.94 14.27 -6.95
N GLY A 73 -9.83 13.28 -6.93
CA GLY A 73 -11.10 13.45 -6.23
C GLY A 73 -10.99 13.44 -4.71
N ALA A 74 -9.82 13.08 -4.19
CA ALA A 74 -9.63 13.04 -2.73
C ALA A 74 -8.67 14.12 -2.29
N TRP A 75 -8.42 15.08 -3.17
CA TRP A 75 -7.53 16.18 -2.87
C TRP A 75 -8.23 17.48 -3.20
N LYS A 76 -9.26 17.78 -2.42
CA LYS A 76 -10.05 19.00 -2.62
C LYS A 76 -9.68 19.93 -1.49
N LEU A 77 -8.66 20.77 -1.73
CA LEU A 77 -8.18 21.70 -0.72
C LEU A 77 -8.68 23.11 -0.92
N GLU A 78 -9.35 23.65 0.09
CA GLU A 78 -9.81 25.02 0.02
C GLU A 78 -8.57 25.83 0.24
N THR A 79 -8.40 26.87 -0.57
CA THR A 79 -7.21 27.69 -0.45
C THR A 79 -7.47 29.10 0.03
N GLU A 80 -8.69 29.58 -0.14
CA GLU A 80 -8.98 30.96 0.23
C GLU A 80 -9.56 31.25 1.61
N ARG A 81 -9.52 32.53 2.00
CA ARG A 81 -10.07 32.96 3.28
C ARG A 81 -11.48 33.49 3.09
N GLY A 82 -12.27 33.39 4.16
CA GLY A 82 -13.65 33.86 4.14
C GLY A 82 -14.59 32.91 3.41
N VAL A 83 -14.19 31.66 3.25
CA VAL A 83 -15.03 30.70 2.54
C VAL A 83 -15.89 29.82 3.43
N ILE A 84 -17.20 29.82 3.17
CA ILE A 84 -18.09 28.97 3.93
C ILE A 84 -17.95 27.59 3.30
N MET A 85 -17.19 26.74 3.98
CA MET A 85 -16.94 25.40 3.45
C MET A 85 -18.08 24.42 3.66
N ASP A 86 -19.16 24.58 2.90
CA ASP A 86 -20.27 23.64 2.99
C ASP A 86 -20.41 22.91 1.66
N GLY A 87 -19.34 22.98 0.87
CA GLY A 87 -19.31 22.32 -0.43
C GLY A 87 -18.42 21.09 -0.50
N ASP A 88 -17.81 20.88 -1.66
CA ASP A 88 -16.93 19.76 -1.97
C ASP A 88 -15.70 19.52 -1.11
N LYS A 89 -14.89 20.58 -0.97
CA LYS A 89 -13.65 20.60 -0.21
C LYS A 89 -13.90 20.38 1.29
N PRO A 90 -13.37 19.29 1.85
CA PRO A 90 -13.61 19.06 3.28
C PRO A 90 -12.51 19.61 4.17
N GLU A 91 -11.47 20.16 3.55
CA GLU A 91 -10.32 20.67 4.27
C GLU A 91 -9.64 21.89 3.65
N HIS A 92 -9.00 22.70 4.49
CA HIS A 92 -8.28 23.87 4.04
C HIS A 92 -6.78 23.54 4.00
N LEU A 93 -6.09 24.10 3.03
CA LEU A 93 -4.66 23.92 2.84
C LEU A 93 -3.89 24.10 4.15
N LEU A 94 -4.23 25.17 4.87
CA LEU A 94 -3.54 25.47 6.11
C LEU A 94 -3.59 24.44 7.23
N GLU A 95 -4.53 23.50 7.18
CA GLU A 95 -4.48 22.43 8.19
C GLU A 95 -4.06 21.12 7.54
N ALA A 96 -4.55 20.84 6.34
CA ALA A 96 -4.23 19.58 5.68
C ALA A 96 -2.76 19.30 5.43
N ILE A 97 -2.00 20.26 4.92
CA ILE A 97 -0.61 19.97 4.63
C ILE A 97 0.29 19.95 5.86
N PRO A 98 0.12 20.92 6.74
CA PRO A 98 1.00 20.88 7.92
C PRO A 98 0.84 19.57 8.68
N VAL A 99 -0.39 19.09 8.77
CA VAL A 99 -0.62 17.84 9.52
C VAL A 99 0.12 16.66 8.90
N MET A 100 0.22 16.62 7.59
CA MET A 100 0.95 15.53 6.97
C MET A 100 2.43 15.60 7.35
N GLY A 101 2.95 16.79 7.51
CA GLY A 101 4.34 16.96 7.91
C GLY A 101 4.58 16.48 9.33
N CYS A 102 3.51 16.30 10.09
CA CYS A 102 3.64 15.86 11.46
C CYS A 102 4.28 14.48 11.65
N TYR A 103 3.92 13.55 10.78
CA TYR A 103 4.37 12.17 10.92
C TYR A 103 5.54 11.63 10.09
N CYS A 104 6.40 12.49 9.57
CA CYS A 104 7.52 12.02 8.76
C CYS A 104 8.67 13.01 8.85
N ASP A 105 9.79 12.68 8.22
CA ASP A 105 10.97 13.55 8.25
C ASP A 105 11.25 14.19 6.90
N ILE A 106 10.84 13.50 5.83
CA ILE A 106 11.08 13.94 4.46
C ILE A 106 9.89 13.48 3.65
N ILE A 107 9.47 14.31 2.71
CA ILE A 107 8.34 14.03 1.88
C ILE A 107 8.71 14.04 0.39
N GLY A 108 8.26 13.02 -0.32
CA GLY A 108 8.46 12.98 -1.76
C GLY A 108 7.05 13.22 -2.33
N VAL A 109 6.93 14.07 -3.34
CA VAL A 109 5.64 14.42 -3.93
C VAL A 109 5.62 14.22 -5.43
N ARG A 110 4.65 13.46 -5.92
CA ARG A 110 4.57 13.31 -7.36
C ARG A 110 3.31 14.03 -7.84
N SER A 111 3.50 15.13 -8.56
CA SER A 111 2.39 15.91 -9.10
C SER A 111 2.29 15.75 -10.62
N PHE A 112 1.56 16.62 -11.28
CA PHE A 112 1.39 16.46 -12.73
C PHE A 112 0.84 17.72 -13.39
N ALA A 113 1.10 17.83 -14.68
CA ALA A 113 0.60 18.96 -15.46
C ALA A 113 -0.79 18.52 -15.95
N ARG A 114 -1.84 19.30 -15.69
CA ARG A 114 -3.16 18.88 -16.16
C ARG A 114 -3.48 19.35 -17.57
N PHE A 115 -2.63 20.20 -18.13
CA PHE A 115 -2.80 20.70 -19.50
C PHE A 115 -4.10 21.44 -19.81
N GLU A 116 -4.51 22.37 -18.95
CA GLU A 116 -5.73 23.12 -19.23
C GLU A 116 -5.39 24.59 -19.12
N ASN A 117 -4.35 24.88 -18.37
CA ASN A 117 -3.91 26.25 -18.17
C ASN A 117 -2.39 26.24 -17.97
N ARG A 118 -1.69 26.94 -18.84
CA ARG A 118 -0.24 26.97 -18.77
C ARG A 118 0.23 27.61 -17.48
N GLU A 119 -0.35 28.76 -17.14
CA GLU A 119 0.02 29.46 -15.92
C GLU A 119 -0.03 28.52 -14.72
N TYR A 120 -1.19 27.92 -14.51
CA TYR A 120 -1.40 27.00 -13.40
C TYR A 120 -0.39 25.87 -13.36
N ASP A 121 -0.23 25.20 -14.49
CA ASP A 121 0.72 24.10 -14.58
C ASP A 121 2.13 24.56 -14.26
N TYR A 122 2.58 25.62 -14.92
CA TYR A 122 3.92 26.11 -14.67
C TYR A 122 4.10 26.78 -13.33
N ASN A 123 3.01 27.02 -12.59
CA ASN A 123 3.14 27.60 -11.26
C ASN A 123 3.56 26.52 -10.26
N GLU A 124 3.38 25.25 -10.63
CA GLU A 124 3.75 24.10 -9.79
C GLU A 124 3.07 24.23 -8.43
N VAL A 125 1.75 24.29 -8.49
CA VAL A 125 0.97 24.49 -7.31
C VAL A 125 1.08 23.44 -6.22
N ILE A 126 0.84 22.16 -6.56
CA ILE A 126 0.92 21.11 -5.56
C ILE A 126 2.28 21.00 -4.89
N ILE A 127 3.38 20.92 -5.64
CA ILE A 127 4.63 20.77 -4.93
C ILE A 127 5.00 22.00 -4.09
N ASN A 128 4.65 23.18 -4.57
CA ASN A 128 4.95 24.39 -3.79
C ASN A 128 4.11 24.48 -2.50
N GLN A 129 2.91 23.89 -2.50
CA GLN A 129 2.11 23.92 -1.28
C GLN A 129 2.84 23.07 -0.23
N PHE A 130 3.38 21.93 -0.65
CA PHE A 130 4.11 21.09 0.29
C PHE A 130 5.40 21.75 0.75
N ILE A 131 6.09 22.45 -0.16
CA ILE A 131 7.32 23.12 0.22
C ILE A 131 7.02 24.18 1.28
N GLN A 132 6.06 25.03 0.95
CA GLN A 132 5.62 26.12 1.82
C GLN A 132 5.01 25.75 3.16
N HIS A 133 4.15 24.74 3.18
CA HIS A 133 3.42 24.38 4.40
C HIS A 133 3.58 23.07 5.13
N SER A 134 4.32 22.10 4.56
CA SER A 134 4.46 20.80 5.22
C SER A 134 5.39 20.83 6.38
N GLY A 135 6.30 21.81 6.40
CA GLY A 135 7.28 21.91 7.46
C GLY A 135 8.38 20.87 7.33
N ARG A 136 8.48 20.22 6.17
CA ARG A 136 9.53 19.20 5.96
C ARG A 136 10.25 19.40 4.62
N PRO A 137 11.48 18.86 4.48
CA PRO A 137 12.22 18.99 3.20
C PRO A 137 11.39 18.19 2.18
N VAL A 138 11.15 18.77 1.01
CA VAL A 138 10.35 18.14 -0.06
C VAL A 138 11.21 17.85 -1.29
N PHE A 139 11.01 16.69 -1.92
CA PHE A 139 11.74 16.43 -3.15
C PHE A 139 10.65 15.99 -4.10
N SER A 140 10.85 16.32 -5.36
CA SER A 140 9.92 15.99 -6.43
C SER A 140 10.11 14.58 -7.00
N MET A 141 9.01 13.83 -7.15
CA MET A 141 9.02 12.50 -7.74
C MET A 141 8.44 12.66 -9.18
N GLU A 142 8.60 13.88 -9.69
CA GLU A 142 8.15 14.36 -10.99
C GLU A 142 7.09 15.38 -10.65
N ALA A 143 7.23 16.58 -11.21
CA ALA A 143 6.26 17.64 -10.98
C ALA A 143 5.60 17.97 -12.33
N ALA A 144 4.95 19.12 -12.42
CA ALA A 144 4.30 19.47 -13.69
C ALA A 144 5.28 19.92 -14.77
N THR A 145 6.42 20.48 -14.39
CA THR A 145 7.37 20.99 -15.38
C THR A 145 8.84 20.53 -15.25
N ARG A 146 9.13 19.67 -14.27
CA ARG A 146 10.49 19.15 -14.09
C ARG A 146 10.38 17.71 -13.56
N HIS A 147 11.50 16.98 -13.56
CA HIS A 147 11.55 15.60 -13.06
C HIS A 147 13.02 15.40 -12.75
N PRO A 148 13.51 16.15 -11.76
CA PRO A 148 14.90 16.11 -11.33
C PRO A 148 15.48 14.74 -11.00
N LEU A 149 14.66 13.83 -10.46
CA LEU A 149 15.20 12.50 -10.15
C LEU A 149 15.56 11.79 -11.45
N GLN A 150 14.77 12.04 -12.49
CA GLN A 150 15.02 11.41 -13.79
C GLN A 150 16.29 11.99 -14.38
N SER A 151 16.34 13.31 -14.45
CA SER A 151 17.49 13.99 -15.02
C SER A 151 18.80 13.61 -14.35
N PHE A 152 18.80 13.55 -13.02
CA PHE A 152 19.97 13.20 -12.25
C PHE A 152 20.42 11.78 -12.62
N ALA A 153 19.47 10.87 -12.74
CA ALA A 153 19.77 9.52 -13.12
C ALA A 153 20.39 9.57 -14.55
N ASP A 154 19.80 10.40 -15.40
CA ASP A 154 20.30 10.53 -16.79
C ASP A 154 21.73 11.05 -16.81
N LEU A 155 22.03 12.02 -15.96
CA LEU A 155 23.38 12.56 -15.85
C LEU A 155 24.34 11.46 -15.36
N ILE A 156 23.91 10.70 -14.35
CA ILE A 156 24.73 9.60 -13.83
C ILE A 156 25.00 8.57 -14.95
N THR A 157 24.00 8.24 -15.77
CA THR A 157 24.30 7.27 -16.80
C THR A 157 25.22 7.78 -17.91
N ILE A 158 25.14 9.06 -18.25
CA ILE A 158 26.03 9.63 -19.27
C ILE A 158 27.46 9.56 -18.71
N GLU A 159 27.62 9.95 -17.45
CA GLU A 159 28.93 9.90 -16.81
C GLU A 159 29.45 8.48 -16.75
N GLU A 160 28.52 7.54 -16.63
CA GLU A 160 28.88 6.15 -16.51
C GLU A 160 29.36 5.54 -17.82
N TYR A 161 28.74 5.96 -18.92
CA TYR A 161 29.06 5.41 -20.21
C TYR A 161 29.90 6.29 -21.14
N LYS A 162 30.05 7.59 -20.84
CA LYS A 162 30.77 8.45 -21.77
C LYS A 162 32.23 8.06 -21.97
N LYS A 163 32.72 8.27 -23.19
CA LYS A 163 34.08 7.96 -23.59
C LYS A 163 35.00 9.18 -23.45
N THR A 164 34.42 10.36 -23.27
CA THR A 164 35.21 11.59 -23.09
C THR A 164 34.57 12.52 -22.09
N ALA A 165 35.31 13.54 -21.70
CA ALA A 165 34.83 14.48 -20.71
C ALA A 165 33.61 15.26 -21.17
N ARG A 166 33.64 15.77 -22.40
CA ARG A 166 32.53 16.59 -22.89
C ARG A 166 31.85 16.02 -24.11
N PRO A 167 31.03 14.98 -23.91
CA PRO A 167 30.34 14.41 -25.07
C PRO A 167 29.35 15.37 -25.71
N LYS A 168 28.95 15.07 -26.94
CA LYS A 168 27.92 15.85 -27.61
C LYS A 168 26.65 15.07 -27.27
N VAL A 169 25.75 15.71 -26.56
CA VAL A 169 24.50 15.07 -26.13
C VAL A 169 23.34 15.78 -26.81
N VAL A 170 22.56 15.00 -27.53
CA VAL A 170 21.43 15.54 -28.26
C VAL A 170 20.09 15.03 -27.71
N MET A 171 19.20 15.96 -27.38
CA MET A 171 17.86 15.59 -26.93
C MET A 171 16.95 15.79 -28.13
N THR A 172 16.29 14.73 -28.57
CA THR A 172 15.38 14.82 -29.70
C THR A 172 13.93 14.49 -29.39
N TRP A 173 13.04 15.24 -30.02
CA TRP A 173 11.61 14.99 -29.89
C TRP A 173 11.37 13.73 -30.73
N ALA A 174 10.21 13.10 -30.55
CA ALA A 174 9.82 11.92 -31.32
C ALA A 174 8.30 11.87 -31.10
N PRO A 175 7.56 11.25 -32.04
CA PRO A 175 6.11 11.19 -31.91
C PRO A 175 5.49 10.27 -30.89
N HIS A 176 4.33 10.71 -30.40
CA HIS A 176 3.52 10.00 -29.40
C HIS A 176 2.00 10.21 -29.65
N PRO A 177 1.20 9.16 -29.47
CA PRO A 177 -0.25 9.26 -29.68
C PRO A 177 -0.96 10.15 -28.67
N ARG A 178 -0.36 10.34 -27.48
CA ARG A 178 -0.97 11.16 -26.43
C ARG A 178 -0.24 12.51 -26.22
N PRO A 179 -0.93 13.50 -25.62
CA PRO A 179 -0.25 14.78 -25.40
C PRO A 179 0.57 14.61 -24.12
N LEU A 180 1.87 14.88 -24.18
CA LEU A 180 2.68 14.66 -22.99
C LEU A 180 3.27 15.92 -22.33
N PRO A 181 3.52 15.86 -21.01
CA PRO A 181 4.09 17.01 -20.27
C PRO A 181 5.49 17.35 -20.76
N GLN A 182 5.93 18.59 -20.57
CA GLN A 182 7.29 18.89 -20.98
C GLN A 182 8.23 18.75 -19.78
N ALA A 183 7.73 18.08 -18.74
CA ALA A 183 8.49 17.88 -17.50
C ALA A 183 9.83 17.21 -17.72
N VAL A 184 9.86 16.09 -18.44
CA VAL A 184 11.15 15.41 -18.68
C VAL A 184 12.13 16.22 -19.57
N PRO A 185 11.65 16.74 -20.72
CA PRO A 185 12.50 17.54 -21.65
C PRO A 185 13.02 18.81 -21.00
N ASN A 186 12.15 19.48 -20.26
CA ASN A 186 12.54 20.70 -19.53
C ASN A 186 13.69 20.39 -18.58
N SER A 187 13.49 19.34 -17.80
CA SER A 187 14.41 18.92 -16.79
C SER A 187 15.75 18.49 -17.37
N PHE A 188 15.68 17.71 -18.45
CA PHE A 188 16.91 17.23 -19.10
C PHE A 188 17.74 18.45 -19.56
N ALA A 189 17.09 19.40 -20.20
CA ALA A 189 17.78 20.60 -20.72
C ALA A 189 18.43 21.37 -19.56
N GLU A 190 17.66 21.55 -18.49
CA GLU A 190 18.12 22.23 -17.29
C GLU A 190 19.39 21.57 -16.79
N TRP A 191 19.36 20.24 -16.64
CA TRP A 191 20.55 19.53 -16.16
C TRP A 191 21.71 19.55 -17.17
N MET A 192 21.42 19.30 -18.45
CA MET A 192 22.50 19.33 -19.44
C MET A 192 23.12 20.73 -19.48
N ASN A 193 22.31 21.78 -19.31
CA ASN A 193 22.89 23.13 -19.37
C ASN A 193 23.82 23.39 -18.20
N ALA A 194 23.67 22.58 -17.14
CA ALA A 194 24.49 22.75 -15.96
C ALA A 194 25.83 22.04 -16.11
N THR A 195 25.97 21.25 -17.17
CA THR A 195 27.23 20.52 -17.42
C THR A 195 28.08 21.26 -18.45
N ASP A 196 29.21 20.65 -18.80
CA ASP A 196 30.11 21.20 -19.81
C ASP A 196 29.97 20.41 -21.10
N TYR A 197 28.93 19.60 -21.21
CA TYR A 197 28.73 18.79 -22.43
C TYR A 197 28.31 19.69 -23.58
N GLU A 198 28.50 19.23 -24.82
CA GLU A 198 28.00 20.00 -25.96
C GLU A 198 26.54 19.50 -26.07
N PHE A 199 25.59 20.37 -25.77
CA PHE A 199 24.16 20.02 -25.75
C PHE A 199 23.34 20.63 -26.85
N VAL A 200 22.56 19.81 -27.54
CA VAL A 200 21.70 20.27 -28.64
C VAL A 200 20.30 19.69 -28.54
N ILE A 201 19.31 20.51 -28.88
CA ILE A 201 17.92 20.09 -28.88
C ILE A 201 17.35 20.19 -30.31
N THR A 202 16.77 19.08 -30.81
CA THR A 202 16.11 19.06 -32.12
C THR A 202 14.64 18.73 -31.90
N HIS A 203 13.74 19.39 -32.61
CA HIS A 203 12.33 19.10 -32.50
C HIS A 203 11.62 19.79 -33.66
N PRO A 204 10.45 19.28 -34.06
CA PRO A 204 9.68 19.88 -35.17
C PRO A 204 9.33 21.34 -34.86
N GLU A 205 8.87 22.05 -35.87
CA GLU A 205 8.44 23.44 -35.67
C GLU A 205 7.27 23.48 -34.69
N GLY A 206 7.24 24.54 -33.87
CA GLY A 206 6.15 24.68 -32.93
C GLY A 206 6.30 23.94 -31.61
N TYR A 207 7.34 23.14 -31.46
CA TYR A 207 7.55 22.40 -30.21
C TYR A 207 8.64 23.03 -29.33
N GLU A 208 8.88 24.34 -29.50
CA GLU A 208 9.89 25.00 -28.70
C GLU A 208 9.50 24.99 -27.21
N LEU A 209 10.49 24.74 -26.35
CA LEU A 209 10.26 24.68 -24.91
C LEU A 209 10.46 26.04 -24.28
N ASP A 210 10.13 26.18 -23.00
CA ASP A 210 10.28 27.49 -22.40
C ASP A 210 11.74 27.90 -22.33
N PRO A 211 12.04 29.14 -22.74
CA PRO A 211 13.40 29.68 -22.74
C PRO A 211 14.14 29.50 -21.44
N LYS A 212 13.44 29.54 -20.31
CA LYS A 212 14.15 29.38 -19.04
C LYS A 212 14.75 27.99 -18.99
N PHE A 213 14.13 27.03 -19.67
CA PHE A 213 14.67 25.67 -19.70
C PHE A 213 15.68 25.53 -20.84
N VAL A 214 15.32 26.01 -22.02
CA VAL A 214 16.22 25.94 -23.17
C VAL A 214 17.57 26.62 -22.88
N GLY A 215 17.53 27.77 -22.20
CA GLY A 215 18.77 28.47 -21.90
C GLY A 215 19.59 28.76 -23.15
N ASN A 216 20.88 28.50 -23.10
CA ASN A 216 21.75 28.75 -24.25
C ASN A 216 22.01 27.54 -25.12
N ALA A 217 21.15 26.54 -24.98
CA ALA A 217 21.28 25.31 -25.75
C ALA A 217 21.04 25.58 -27.22
N ARG A 218 21.83 24.93 -28.07
CA ARG A 218 21.67 25.07 -29.52
C ARG A 218 20.39 24.32 -29.93
N VAL A 219 19.42 25.04 -30.50
CA VAL A 219 18.18 24.44 -30.97
C VAL A 219 18.28 24.28 -32.50
N GLU A 220 18.39 23.03 -32.95
CA GLU A 220 18.52 22.68 -34.37
C GLU A 220 17.25 22.03 -34.88
N TYR A 221 16.68 22.58 -35.94
CA TYR A 221 15.43 22.03 -36.48
C TYR A 221 15.57 20.83 -37.41
N ASP A 222 16.78 20.63 -37.91
CA ASP A 222 17.06 19.51 -38.80
C ASP A 222 17.59 18.36 -37.95
N GLN A 223 16.73 17.39 -37.64
CA GLN A 223 17.14 16.26 -36.82
C GLN A 223 18.41 15.56 -37.31
N MET A 224 18.52 15.33 -38.61
CA MET A 224 19.72 14.69 -39.13
C MET A 224 20.95 15.54 -38.82
N LYS A 225 20.87 16.85 -39.07
CA LYS A 225 21.99 17.73 -38.78
C LYS A 225 22.35 17.65 -37.29
N ALA A 226 21.36 17.82 -36.41
CA ALA A 226 21.63 17.78 -34.97
C ALA A 226 22.33 16.50 -34.55
N PHE A 227 21.90 15.34 -35.08
CA PHE A 227 22.50 14.03 -34.76
C PHE A 227 23.97 13.82 -35.17
N GLU A 228 24.48 14.59 -36.12
CA GLU A 228 25.86 14.40 -36.57
C GLU A 228 26.92 14.42 -35.48
N GLY A 229 27.74 13.37 -35.46
CA GLY A 229 28.79 13.27 -34.47
C GLY A 229 28.36 13.13 -33.00
N ALA A 230 27.07 12.89 -32.74
CA ALA A 230 26.61 12.78 -31.34
C ALA A 230 27.22 11.58 -30.63
N ASP A 231 27.35 11.69 -29.32
CA ASP A 231 27.89 10.60 -28.49
C ASP A 231 26.74 9.95 -27.69
N PHE A 232 25.68 10.73 -27.45
CA PHE A 232 24.48 10.26 -26.73
C PHE A 232 23.21 10.84 -27.36
N ILE A 233 22.19 10.00 -27.54
CA ILE A 233 20.91 10.45 -28.08
C ILE A 233 19.84 10.26 -26.99
N TYR A 234 19.20 11.35 -26.59
CA TYR A 234 18.17 11.30 -25.55
C TYR A 234 16.83 11.64 -26.24
N ALA A 235 16.01 10.62 -26.48
CA ALA A 235 14.70 10.76 -27.12
C ALA A 235 13.56 10.92 -26.12
N LYS A 236 12.61 11.79 -26.45
CA LYS A 236 11.47 12.00 -25.58
C LYS A 236 10.38 12.77 -26.30
N ASN A 237 9.15 12.33 -26.13
CA ASN A 237 8.10 13.12 -26.72
C ASN A 237 7.57 14.09 -25.70
N TRP A 238 7.04 15.22 -26.19
CA TRP A 238 6.37 16.19 -25.33
C TRP A 238 5.33 16.91 -26.19
N ALA A 239 4.26 17.37 -25.54
CA ALA A 239 3.19 18.11 -26.21
C ALA A 239 3.69 19.53 -26.38
N ALA A 240 3.01 20.28 -27.25
CA ALA A 240 3.42 21.66 -27.49
C ALA A 240 3.33 22.49 -26.21
N TYR A 241 4.07 23.58 -26.19
CA TYR A 241 4.11 24.47 -25.04
C TYR A 241 3.81 25.94 -25.34
N THR A 242 4.46 26.49 -26.35
CA THR A 242 4.32 27.90 -26.68
C THR A 242 3.01 28.28 -27.36
N GLY A 243 2.73 29.58 -27.28
CA GLY A 243 1.55 30.18 -27.90
C GLY A 243 0.20 29.60 -27.52
N ASP A 244 -0.62 29.32 -28.52
CA ASP A 244 -1.94 28.81 -28.25
C ASP A 244 -2.02 27.31 -28.46
N ASN A 245 -0.87 26.67 -28.54
CA ASN A 245 -0.86 25.22 -28.76
C ASN A 245 -0.59 24.42 -27.48
N TYR A 246 -0.39 25.14 -26.36
CA TYR A 246 -0.09 24.49 -25.09
C TYR A 246 -0.92 23.25 -24.83
N GLY A 247 -0.24 22.13 -24.57
CA GLY A 247 -0.93 20.90 -24.28
C GLY A 247 -1.35 20.09 -25.49
N GLN A 248 -0.97 20.53 -26.68
CA GLN A 248 -1.40 19.79 -27.85
C GLN A 248 -0.39 19.14 -28.78
N ILE A 249 -0.87 18.10 -29.44
CA ILE A 249 -0.07 17.36 -30.40
C ILE A 249 -0.16 18.13 -31.69
N LEU A 250 0.98 18.56 -32.22
CA LEU A 250 1.00 19.32 -33.47
C LEU A 250 1.54 18.41 -34.54
N SER A 251 1.98 17.21 -34.15
CA SER A 251 2.55 16.28 -35.11
C SER A 251 2.75 14.89 -34.54
N THR A 252 2.66 13.88 -35.40
CA THR A 252 2.88 12.49 -34.99
C THR A 252 3.81 11.88 -36.05
N ASP A 253 4.61 12.75 -36.64
CA ASP A 253 5.55 12.42 -37.72
C ASP A 253 6.64 11.41 -37.40
N ARG A 254 6.42 10.17 -37.80
CA ARG A 254 7.39 9.14 -37.54
C ARG A 254 8.73 9.29 -38.25
N ASN A 255 8.92 10.36 -39.04
CA ASN A 255 10.24 10.59 -39.64
C ASN A 255 11.21 10.98 -38.48
N TRP A 256 10.64 11.44 -37.37
CA TRP A 256 11.46 11.80 -36.23
C TRP A 256 11.77 10.57 -35.39
N THR A 257 11.02 9.49 -35.61
CA THR A 257 11.23 8.24 -34.88
C THR A 257 12.71 7.88 -35.03
N VAL A 258 13.40 7.65 -33.92
CA VAL A 258 14.83 7.33 -33.94
C VAL A 258 15.13 5.94 -34.43
N GLY A 259 15.73 5.84 -35.62
CA GLY A 259 16.10 4.56 -36.19
C GLY A 259 17.57 4.56 -36.66
N ASP A 260 17.95 3.52 -37.42
CA ASP A 260 19.32 3.41 -37.93
C ASP A 260 19.71 4.57 -38.84
N ARG A 261 18.73 5.15 -39.52
CA ARG A 261 18.99 6.29 -40.38
C ARG A 261 19.61 7.45 -39.60
N GLN A 262 19.01 7.86 -38.49
CA GLN A 262 19.60 8.96 -37.74
C GLN A 262 20.81 8.49 -36.94
N MET A 263 20.73 7.29 -36.34
CA MET A 263 21.87 6.81 -35.56
C MET A 263 23.15 6.65 -36.39
N ALA A 264 23.02 6.28 -37.66
CA ALA A 264 24.19 6.12 -38.54
C ALA A 264 25.06 7.37 -38.64
N VAL A 265 24.43 8.51 -38.48
CA VAL A 265 25.09 9.79 -38.58
C VAL A 265 25.86 10.18 -37.29
N THR A 266 25.55 9.52 -36.19
CA THR A 266 26.21 9.81 -34.92
C THR A 266 27.55 9.10 -34.82
N ASN A 267 28.33 9.43 -33.81
CA ASN A 267 29.59 8.72 -33.61
C ASN A 267 29.23 7.47 -32.80
N ASN A 268 28.44 6.59 -33.42
CA ASN A 268 28.01 5.36 -32.79
C ASN A 268 27.51 5.72 -31.37
N ALA A 269 26.58 6.66 -31.32
CA ALA A 269 26.06 7.17 -30.06
C ALA A 269 25.29 6.15 -29.20
N TYR A 270 25.23 6.39 -27.90
CA TYR A 270 24.43 5.54 -27.03
C TYR A 270 23.00 6.04 -27.19
N PHE A 271 22.02 5.19 -26.95
CA PHE A 271 20.63 5.63 -27.03
C PHE A 271 20.02 5.67 -25.61
N MET A 272 19.39 6.78 -25.27
CA MET A 272 18.75 6.90 -23.95
C MET A 272 17.26 7.30 -24.02
N HIS A 273 16.47 6.88 -23.03
CA HIS A 273 15.05 7.23 -22.92
C HIS A 273 14.63 6.92 -21.48
N CYS A 274 13.88 7.84 -20.88
CA CYS A 274 13.47 7.73 -19.48
C CYS A 274 12.49 6.62 -19.15
N LEU A 275 11.75 6.12 -20.15
CA LEU A 275 10.77 5.05 -19.98
C LEU A 275 9.47 5.57 -19.32
N PRO A 276 8.30 4.97 -19.66
CA PRO A 276 8.10 3.87 -20.60
C PRO A 276 8.33 4.31 -22.06
N VAL A 277 8.71 3.40 -22.94
CA VAL A 277 8.96 3.78 -24.36
C VAL A 277 8.08 3.01 -25.32
N ARG A 278 7.42 3.74 -26.21
CA ARG A 278 6.59 3.12 -27.23
C ARG A 278 7.51 2.82 -28.44
N ARG A 279 7.79 1.55 -28.67
CA ARG A 279 8.65 1.25 -29.79
C ARG A 279 8.06 1.62 -31.17
N ASN A 280 8.95 2.04 -32.07
CA ASN A 280 8.63 2.44 -33.43
C ASN A 280 7.80 3.70 -33.55
N MET A 281 7.74 4.45 -32.45
CA MET A 281 7.09 5.75 -32.38
C MET A 281 8.25 6.63 -31.89
N ILE A 282 8.85 6.25 -30.76
CA ILE A 282 9.98 7.03 -30.23
C ILE A 282 11.32 6.54 -30.81
N VAL A 283 11.49 5.24 -30.87
CA VAL A 283 12.72 4.59 -31.32
C VAL A 283 12.41 3.20 -31.89
N THR A 284 13.20 2.80 -32.89
CA THR A 284 13.03 1.51 -33.55
C THR A 284 13.46 0.33 -32.70
N ASP A 285 12.94 -0.85 -33.04
CA ASP A 285 13.29 -2.07 -32.35
C ASP A 285 14.80 -2.26 -32.44
N ASP A 286 15.33 -2.03 -33.64
CA ASP A 286 16.75 -2.22 -33.88
C ASP A 286 17.63 -1.33 -33.03
N VAL A 287 17.25 -0.07 -32.87
CA VAL A 287 18.06 0.83 -32.07
C VAL A 287 17.95 0.52 -30.59
N ILE A 288 16.74 0.37 -30.06
CA ILE A 288 16.59 0.11 -28.61
C ILE A 288 17.16 -1.23 -28.15
N GLU A 289 17.23 -2.20 -29.07
CA GLU A 289 17.79 -3.50 -28.70
C GLU A 289 19.29 -3.64 -29.02
N SER A 290 19.88 -2.62 -29.63
CA SER A 290 21.32 -2.68 -29.96
C SER A 290 22.22 -2.54 -28.70
N PRO A 291 23.52 -2.86 -28.82
CA PRO A 291 24.40 -2.74 -27.65
C PRO A 291 24.59 -1.29 -27.21
N GLN A 292 24.22 -0.33 -28.05
CA GLN A 292 24.35 1.09 -27.68
C GLN A 292 23.11 1.56 -26.91
N SER A 293 22.13 0.69 -26.76
CA SER A 293 20.95 1.11 -26.02
C SER A 293 21.26 0.90 -24.54
N ILE A 294 21.14 1.95 -23.74
CA ILE A 294 21.40 1.80 -22.31
C ILE A 294 20.21 2.25 -21.51
N VAL A 295 19.00 2.03 -22.04
CA VAL A 295 17.80 2.43 -21.31
C VAL A 295 17.65 1.66 -19.98
N ILE A 296 18.08 0.41 -19.94
CA ILE A 296 17.96 -0.36 -18.72
C ILE A 296 18.93 0.16 -17.65
N PRO A 297 20.23 0.30 -17.98
CA PRO A 297 21.17 0.83 -16.98
C PRO A 297 20.72 2.25 -16.52
N GLU A 298 20.13 2.99 -17.46
CA GLU A 298 19.61 4.34 -17.16
C GLU A 298 18.50 4.23 -16.13
N ALA A 299 17.62 3.26 -16.30
CA ALA A 299 16.54 3.07 -15.31
C ALA A 299 17.13 2.67 -13.97
N ALA A 300 18.13 1.78 -13.97
CA ALA A 300 18.76 1.33 -12.72
C ALA A 300 19.29 2.52 -11.99
N ASN A 301 19.79 3.50 -12.74
CA ASN A 301 20.32 4.70 -12.09
C ASN A 301 19.30 5.55 -11.36
N ARG A 302 18.00 5.33 -11.61
CA ARG A 302 16.94 6.06 -10.87
C ARG A 302 17.06 5.71 -9.36
N GLU A 303 17.47 4.47 -9.07
CA GLU A 303 17.63 4.08 -7.67
C GLU A 303 18.77 4.90 -7.07
N ILE A 304 19.80 5.11 -7.89
CA ILE A 304 20.97 5.84 -7.43
C ILE A 304 20.73 7.34 -7.22
N SER A 305 20.10 8.01 -8.17
CA SER A 305 19.84 9.44 -8.00
C SER A 305 18.93 9.65 -6.77
N ALA A 306 17.98 8.74 -6.54
CA ALA A 306 17.09 8.82 -5.36
C ALA A 306 17.87 8.59 -4.09
N THR A 307 18.77 7.61 -4.13
CA THR A 307 19.58 7.32 -2.96
C THR A 307 20.46 8.51 -2.62
N VAL A 308 21.07 9.16 -3.61
CA VAL A 308 21.93 10.31 -3.27
C VAL A 308 21.12 11.49 -2.76
N VAL A 309 19.96 11.71 -3.38
CA VAL A 309 19.09 12.81 -2.99
C VAL A 309 18.58 12.63 -1.55
N LEU A 310 18.15 11.41 -1.23
CA LEU A 310 17.65 11.11 0.09
C LEU A 310 18.80 11.23 1.12
N LYS A 311 19.98 10.79 0.73
CA LYS A 311 21.16 10.87 1.59
C LYS A 311 21.43 12.34 1.92
N ARG A 312 21.40 13.19 0.89
CA ARG A 312 21.63 14.63 1.09
C ARG A 312 20.56 15.26 1.99
N LEU A 313 19.31 14.87 1.81
CA LEU A 313 18.26 15.43 2.65
C LEU A 313 18.44 14.95 4.10
N LEU A 314 18.75 13.66 4.24
CA LEU A 314 19.02 13.11 5.56
C LEU A 314 20.16 13.90 6.21
N GLU A 315 21.19 14.24 5.45
CA GLU A 315 22.33 14.94 6.02
C GLU A 315 21.97 16.38 6.35
N ASN A 316 20.86 16.84 5.83
CA ASN A 316 20.45 18.22 6.08
C ASN A 316 19.33 18.38 7.06
N LEU A 317 18.96 17.33 7.77
CA LEU A 317 17.90 17.42 8.75
C LEU A 317 18.39 18.20 9.99
N PRO A 318 17.53 19.03 10.59
CA PRO A 318 17.95 19.78 11.78
C PRO A 318 18.18 18.84 12.96
N HIS A 319 19.23 19.09 13.71
CA HIS A 319 19.56 18.25 14.85
C HIS A 319 18.63 18.43 16.06
N HIS A 320 18.06 19.61 16.23
CA HIS A 320 17.16 19.86 17.38
C HIS A 320 15.72 20.15 16.94
N HIS A 321 14.79 20.03 17.88
CA HIS A 321 13.38 20.22 17.58
C HIS A 321 12.62 21.07 18.58
N HIS A 322 11.40 21.43 18.21
CA HIS A 322 10.55 22.24 19.04
C HIS A 322 9.55 21.41 19.83
N HIS A 323 9.32 21.80 21.08
CA HIS A 323 8.37 21.14 21.96
C HIS A 323 7.67 22.24 22.73
N HIS A 324 6.34 22.22 22.78
CA HIS A 324 5.66 23.27 23.50
C HIS A 324 5.92 23.19 25.00
N MET B 1 -2.69 -4.52 29.30
CA MET B 1 -3.82 -4.10 28.43
C MET B 1 -3.97 -5.12 27.29
N LYS B 2 -5.15 -5.73 27.20
CA LYS B 2 -5.43 -6.75 26.19
C LYS B 2 -6.16 -6.21 24.97
N LYS B 3 -6.62 -4.98 25.01
CA LYS B 3 -7.33 -4.42 23.88
C LYS B 3 -7.43 -2.93 24.11
N PHE B 4 -7.80 -2.20 23.07
CA PHE B 4 -7.92 -0.76 23.25
C PHE B 4 -9.05 -0.23 22.40
N THR B 5 -10.20 -0.10 23.05
CA THR B 5 -11.42 0.38 22.40
C THR B 5 -12.13 1.49 23.20
N CYS B 6 -11.67 1.77 24.41
CA CYS B 6 -12.37 2.77 25.23
C CYS B 6 -11.48 3.24 26.41
N VAL B 7 -11.88 4.29 27.10
CA VAL B 7 -11.06 4.78 28.21
C VAL B 7 -10.71 3.74 29.28
N GLN B 8 -11.62 2.85 29.67
CA GLN B 8 -11.22 1.90 30.71
C GLN B 8 -9.98 1.12 30.36
N ASP B 9 -9.82 0.78 29.08
CA ASP B 9 -8.66 0.00 28.65
C ASP B 9 -7.31 0.65 28.96
N ILE B 10 -7.24 1.97 28.94
CA ILE B 10 -5.94 2.62 29.18
C ILE B 10 -5.43 2.47 30.63
N GLY B 11 -6.34 2.16 31.56
CA GLY B 11 -5.95 2.02 32.95
C GLY B 11 -5.73 3.35 33.62
N ASP B 12 -4.70 3.44 34.46
CA ASP B 12 -4.41 4.69 35.16
C ASP B 12 -4.06 5.81 34.19
N LEU B 13 -4.77 6.93 34.28
CA LEU B 13 -4.52 8.03 33.38
C LEU B 13 -3.20 8.77 33.55
N LYS B 14 -2.79 8.96 34.79
CA LYS B 14 -1.55 9.68 35.05
C LYS B 14 -0.35 8.97 34.44
N SER B 15 -0.30 7.66 34.63
CA SER B 15 0.78 6.83 34.14
C SER B 15 0.82 6.78 32.58
N ALA B 16 -0.36 6.75 31.96
CA ALA B 16 -0.45 6.70 30.49
C ALA B 16 0.01 8.06 29.96
N LEU B 17 -0.33 9.11 30.68
CA LEU B 17 0.04 10.45 30.29
C LEU B 17 1.57 10.63 30.47
N ALA B 18 2.12 10.05 31.54
CA ALA B 18 3.54 10.16 31.81
C ALA B 18 4.31 9.54 30.63
N GLU B 19 3.89 8.34 30.23
CA GLU B 19 4.52 7.67 29.11
C GLU B 19 4.41 8.51 27.84
N SER B 20 3.27 9.17 27.66
CA SER B 20 3.06 10.04 26.49
C SER B 20 4.09 11.17 26.37
N PHE B 21 4.30 11.92 27.45
CA PHE B 21 5.26 13.01 27.40
C PHE B 21 6.68 12.47 27.32
N GLU B 22 6.94 11.30 27.90
CA GLU B 22 8.27 10.69 27.81
C GLU B 22 8.61 10.42 26.32
N ILE B 23 7.69 9.77 25.61
CA ILE B 23 7.83 9.44 24.20
C ILE B 23 7.87 10.69 23.29
N LYS B 24 7.15 11.72 23.69
CA LYS B 24 7.14 12.97 22.94
C LYS B 24 8.55 13.53 22.88
N LYS B 25 9.28 13.40 23.98
CA LYS B 25 10.63 13.90 24.04
C LYS B 25 11.73 12.91 23.61
N ASP B 26 11.41 11.62 23.50
CA ASP B 26 12.42 10.63 23.14
C ASP B 26 11.64 9.60 22.32
N ARG B 27 11.30 10.01 21.10
CA ARG B 27 10.43 9.22 20.23
C ARG B 27 10.77 7.75 20.02
N PHE B 28 12.07 7.45 19.90
CA PHE B 28 12.53 6.10 19.65
C PHE B 28 13.08 5.34 20.86
N LYS B 29 12.78 5.87 22.05
CA LYS B 29 13.19 5.24 23.30
C LYS B 29 12.81 3.78 23.37
N TYR B 30 11.65 3.40 22.86
CA TYR B 30 11.22 1.99 22.90
C TYR B 30 11.18 1.27 21.54
N VAL B 31 12.07 1.68 20.63
CA VAL B 31 12.11 1.10 19.29
C VAL B 31 12.48 -0.38 19.29
N GLU B 32 13.12 -0.86 20.34
CA GLU B 32 13.45 -2.27 20.44
C GLU B 32 12.27 -3.10 20.95
N LEU B 33 11.31 -2.44 21.58
CA LEU B 33 10.13 -3.12 22.14
C LEU B 33 9.36 -3.93 21.12
N GLY B 34 9.17 -3.38 19.93
CA GLY B 34 8.40 -4.08 18.92
C GLY B 34 9.20 -4.87 17.89
N ARG B 35 10.47 -5.12 18.16
CA ARG B 35 11.31 -5.89 17.22
C ARG B 35 10.68 -7.26 16.92
N ASN B 36 10.59 -7.61 15.63
CA ASN B 36 10.01 -8.89 15.18
C ASN B 36 8.53 -9.08 15.57
N LYS B 37 7.84 -7.96 15.82
CA LYS B 37 6.42 -7.93 16.14
C LYS B 37 5.72 -7.32 14.91
N THR B 38 4.60 -7.89 14.50
CA THR B 38 3.91 -7.39 13.33
C THR B 38 2.53 -6.83 13.66
N LEU B 39 2.31 -5.58 13.21
CA LEU B 39 1.02 -4.91 13.36
C LEU B 39 0.28 -5.05 12.04
N LEU B 40 -0.97 -5.46 12.11
CA LEU B 40 -1.85 -5.57 10.95
C LEU B 40 -2.88 -4.45 11.04
N MET B 41 -2.81 -3.48 10.13
CA MET B 41 -3.81 -2.41 10.13
C MET B 41 -4.84 -2.71 9.08
N ILE B 42 -6.11 -2.70 9.48
CA ILE B 42 -7.21 -3.00 8.57
C ILE B 42 -8.18 -1.85 8.45
N PHE B 43 -8.33 -1.29 7.25
CA PHE B 43 -9.24 -0.19 7.01
C PHE B 43 -10.48 -0.64 6.23
N PHE B 44 -11.65 -0.35 6.78
CA PHE B 44 -12.92 -0.72 6.13
C PHE B 44 -13.49 0.57 5.59
N ASN B 45 -12.70 1.62 5.77
CA ASN B 45 -12.99 2.99 5.34
C ASN B 45 -11.63 3.60 5.11
N SER B 46 -11.33 4.04 3.89
CA SER B 46 -10.01 4.61 3.65
C SER B 46 -9.77 5.87 4.47
N SER B 47 -8.52 6.04 4.88
CA SER B 47 -8.12 7.19 5.65
C SER B 47 -6.72 7.59 5.20
N LEU B 48 -6.28 8.76 5.66
CA LEU B 48 -4.96 9.23 5.34
C LEU B 48 -4.36 9.64 6.67
N ARG B 49 -5.15 10.30 7.49
CA ARG B 49 -4.69 10.74 8.80
C ARG B 49 -4.37 9.58 9.75
N THR B 50 -5.36 8.73 10.02
CA THR B 50 -5.19 7.59 10.94
C THR B 50 -4.17 6.59 10.40
N ARG B 51 -4.23 6.37 9.09
CA ARG B 51 -3.31 5.46 8.40
C ARG B 51 -1.87 5.92 8.62
N LEU B 52 -1.64 7.20 8.41
CA LEU B 52 -0.33 7.78 8.54
C LEU B 52 0.16 7.85 10.01
N SER B 53 -0.68 8.35 10.90
CA SER B 53 -0.24 8.45 12.29
C SER B 53 -0.07 7.09 12.96
N THR B 54 -0.92 6.13 12.63
CA THR B 54 -0.76 4.83 13.25
C THR B 54 0.53 4.08 12.77
N GLN B 55 0.88 4.23 11.48
CA GLN B 55 2.07 3.58 10.94
C GLN B 55 3.31 4.19 11.57
N LYS B 56 3.32 5.51 11.68
CA LYS B 56 4.47 6.16 12.31
C LYS B 56 4.66 5.65 13.75
N ALA B 57 3.54 5.49 14.47
CA ALA B 57 3.64 5.02 15.86
C ALA B 57 4.27 3.64 15.96
N ALA B 58 3.84 2.74 15.09
CA ALA B 58 4.37 1.37 15.10
C ALA B 58 5.85 1.37 14.81
N LEU B 59 6.27 2.27 13.93
CA LEU B 59 7.66 2.37 13.57
C LEU B 59 8.47 2.89 14.75
N ASN B 60 7.82 3.72 15.58
CA ASN B 60 8.49 4.27 16.77
C ASN B 60 8.88 3.10 17.69
N LEU B 61 8.12 2.00 17.58
CA LEU B 61 8.34 0.83 18.41
C LEU B 61 9.09 -0.29 17.68
N GLY B 62 9.61 0.01 16.49
CA GLY B 62 10.35 -0.96 15.71
C GLY B 62 9.55 -2.12 15.14
N MET B 63 8.23 -1.96 15.06
CA MET B 63 7.35 -3.01 14.56
C MET B 63 7.33 -3.15 13.05
N ASN B 64 6.92 -4.33 12.61
CA ASN B 64 6.76 -4.59 11.18
C ASN B 64 5.32 -4.15 10.99
N VAL B 65 5.02 -3.56 9.85
CA VAL B 65 3.66 -3.14 9.61
C VAL B 65 3.10 -3.63 8.28
N ILE B 66 1.86 -4.09 8.32
CA ILE B 66 1.16 -4.53 7.13
C ILE B 66 -0.21 -3.83 7.12
N VAL B 67 -0.50 -3.10 6.07
CA VAL B 67 -1.77 -2.41 5.99
C VAL B 67 -2.66 -3.07 4.94
N LEU B 68 -3.87 -3.43 5.33
CA LEU B 68 -4.85 -4.01 4.41
C LEU B 68 -6.00 -3.03 4.25
N ASP B 69 -6.43 -2.82 3.02
CA ASP B 69 -7.56 -1.96 2.75
C ASP B 69 -8.63 -2.90 2.21
N ILE B 70 -9.77 -2.95 2.89
CA ILE B 70 -10.84 -3.83 2.48
C ILE B 70 -12.08 -3.02 2.14
N ASN B 71 -12.43 -3.02 0.86
CA ASN B 71 -13.58 -2.30 0.36
C ASN B 71 -14.88 -2.65 1.07
N GLN B 72 -15.62 -1.61 1.47
CA GLN B 72 -16.90 -1.80 2.14
C GLN B 72 -17.75 -2.70 1.23
N GLY B 73 -18.27 -3.79 1.78
CA GLY B 73 -19.09 -4.67 0.96
C GLY B 73 -18.27 -5.78 0.36
N ALA B 74 -16.95 -5.62 0.39
CA ALA B 74 -16.07 -6.68 -0.12
C ALA B 74 -15.78 -7.56 1.09
N TRP B 75 -16.35 -7.15 2.23
CA TRP B 75 -16.17 -7.85 3.49
C TRP B 75 -17.50 -8.32 4.02
N LYS B 76 -18.01 -9.41 3.47
CA LYS B 76 -19.28 -9.90 3.97
C LYS B 76 -19.12 -11.30 4.54
N LEU B 77 -18.86 -11.36 5.83
CA LEU B 77 -18.68 -12.64 6.49
C LEU B 77 -20.01 -13.17 6.95
N GLU B 78 -20.24 -14.45 6.68
CA GLU B 78 -21.45 -15.14 7.10
C GLU B 78 -21.25 -15.41 8.59
N THR B 79 -22.30 -15.19 9.41
CA THR B 79 -22.15 -15.42 10.85
C THR B 79 -23.03 -16.55 11.35
N GLU B 80 -23.98 -16.96 10.52
CA GLU B 80 -24.91 -18.00 10.94
C GLU B 80 -24.53 -19.42 10.57
N ARG B 81 -25.15 -20.37 11.26
CA ARG B 81 -24.94 -21.79 11.06
C ARG B 81 -26.04 -22.39 10.18
N GLY B 82 -25.70 -23.44 9.45
CA GLY B 82 -26.69 -24.06 8.58
C GLY B 82 -26.98 -23.23 7.33
N VAL B 83 -26.11 -22.28 7.00
CA VAL B 83 -26.34 -21.46 5.80
C VAL B 83 -25.65 -22.03 4.54
N ILE B 84 -26.42 -22.24 3.47
CA ILE B 84 -25.85 -22.74 2.23
C ILE B 84 -25.21 -21.50 1.60
N MET B 85 -23.88 -21.41 1.72
CA MET B 85 -23.13 -20.26 1.26
C MET B 85 -22.84 -20.17 -0.24
N ASP B 86 -23.88 -19.89 -1.01
CA ASP B 86 -23.74 -19.76 -2.45
C ASP B 86 -24.16 -18.34 -2.87
N GLY B 87 -24.10 -17.42 -1.90
CA GLY B 87 -24.49 -16.05 -2.13
C GLY B 87 -23.27 -15.18 -2.32
N ASP B 88 -23.33 -13.95 -1.82
CA ASP B 88 -22.22 -13.01 -1.94
C ASP B 88 -21.15 -13.15 -0.84
N LYS B 89 -21.49 -13.79 0.28
CA LYS B 89 -20.54 -13.98 1.37
C LYS B 89 -19.55 -15.08 1.01
N PRO B 90 -18.28 -14.70 0.79
CA PRO B 90 -17.17 -15.57 0.41
C PRO B 90 -16.69 -16.53 1.52
N GLU B 91 -16.86 -16.13 2.77
CA GLU B 91 -16.47 -16.98 3.88
C GLU B 91 -17.20 -16.67 5.17
N HIS B 92 -17.03 -17.58 6.10
CA HIS B 92 -17.65 -17.52 7.39
C HIS B 92 -16.66 -16.87 8.35
N LEU B 93 -17.24 -16.12 9.28
CA LEU B 93 -16.52 -15.44 10.34
C LEU B 93 -15.54 -16.40 11.01
N LEU B 94 -16.04 -17.58 11.35
CA LEU B 94 -15.27 -18.58 12.05
C LEU B 94 -13.99 -19.03 11.38
N GLU B 95 -13.90 -18.82 10.07
CA GLU B 95 -12.66 -19.11 9.37
C GLU B 95 -11.88 -17.80 9.15
N ALA B 96 -12.54 -16.83 8.54
CA ALA B 96 -11.87 -15.60 8.15
C ALA B 96 -11.06 -14.84 9.19
N ILE B 97 -11.64 -14.58 10.35
CA ILE B 97 -10.93 -13.78 11.35
C ILE B 97 -9.82 -14.53 12.05
N PRO B 98 -10.10 -15.77 12.47
CA PRO B 98 -9.01 -16.47 13.13
C PRO B 98 -7.79 -16.58 12.16
N VAL B 99 -8.05 -16.72 10.86
CA VAL B 99 -6.95 -16.86 9.91
C VAL B 99 -6.11 -15.60 9.85
N MET B 100 -6.75 -14.44 9.78
CA MET B 100 -5.98 -13.20 9.77
C MET B 100 -5.10 -13.04 11.01
N GLY B 101 -5.56 -13.54 12.14
CA GLY B 101 -4.76 -13.45 13.34
C GLY B 101 -3.53 -14.37 13.32
N CYS B 102 -3.44 -15.29 12.35
CA CYS B 102 -2.31 -16.21 12.30
C CYS B 102 -1.01 -15.53 11.91
N TYR B 103 -1.13 -14.51 11.09
CA TYR B 103 0.02 -13.81 10.56
C TYR B 103 0.42 -12.49 11.22
N CYS B 104 0.02 -12.27 12.47
CA CYS B 104 0.37 -10.99 13.05
C CYS B 104 0.34 -11.07 14.54
N ASP B 105 0.77 -10.00 15.19
CA ASP B 105 0.80 -10.02 16.66
C ASP B 105 -0.24 -9.10 17.28
N ILE B 106 -0.56 -8.02 16.58
CA ILE B 106 -1.51 -7.02 17.04
C ILE B 106 -2.30 -6.52 15.83
N ILE B 107 -3.59 -6.26 16.04
CA ILE B 107 -4.48 -5.79 15.00
C ILE B 107 -5.17 -4.45 15.30
N GLY B 108 -5.07 -3.53 14.36
CA GLY B 108 -5.77 -2.27 14.51
C GLY B 108 -6.90 -2.33 13.50
N VAL B 109 -8.11 -1.94 13.89
CA VAL B 109 -9.26 -2.00 12.98
C VAL B 109 -9.98 -0.70 12.90
N ARG B 110 -10.22 -0.23 11.69
CA ARG B 110 -10.97 1.01 11.54
C ARG B 110 -12.34 0.64 10.96
N SER B 111 -13.39 0.68 11.80
CA SER B 111 -14.75 0.39 11.36
C SER B 111 -15.53 1.70 11.26
N PHE B 112 -16.83 1.60 11.02
CA PHE B 112 -17.66 2.81 10.83
C PHE B 112 -19.15 2.58 11.12
N ALA B 113 -19.88 3.67 11.29
CA ALA B 113 -21.32 3.63 11.51
C ALA B 113 -21.94 3.83 10.13
N ARG B 114 -22.83 2.91 9.74
CA ARG B 114 -23.48 2.97 8.43
C ARG B 114 -24.67 3.92 8.50
N PHE B 115 -25.14 4.17 9.72
CA PHE B 115 -26.28 5.05 9.96
C PHE B 115 -27.59 4.50 9.42
N GLU B 116 -27.61 3.23 9.06
CA GLU B 116 -28.84 2.61 8.55
C GLU B 116 -29.69 2.11 9.73
N ASN B 117 -29.05 1.47 10.69
CA ASN B 117 -29.73 0.94 11.86
C ASN B 117 -28.90 1.29 13.11
N ARG B 118 -29.46 2.11 13.98
CA ARG B 118 -28.78 2.54 15.21
C ARG B 118 -28.24 1.38 16.02
N GLU B 119 -29.12 0.41 16.29
CA GLU B 119 -28.75 -0.73 17.09
C GLU B 119 -27.58 -1.51 16.47
N TYR B 120 -27.61 -1.75 15.17
CA TYR B 120 -26.50 -2.46 14.54
C TYR B 120 -25.21 -1.66 14.73
N ASP B 121 -25.28 -0.35 14.48
CA ASP B 121 -24.14 0.52 14.63
C ASP B 121 -23.60 0.47 16.04
N TYR B 122 -24.48 0.65 17.02
CA TYR B 122 -24.04 0.66 18.42
C TYR B 122 -23.61 -0.69 18.96
N ASN B 123 -23.81 -1.76 18.19
CA ASN B 123 -23.35 -3.06 18.65
C ASN B 123 -21.87 -3.24 18.29
N GLU B 124 -21.32 -2.30 17.51
CA GLU B 124 -19.90 -2.36 17.16
C GLU B 124 -19.55 -3.77 16.69
N VAL B 125 -20.35 -4.27 15.75
CA VAL B 125 -20.17 -5.62 15.25
C VAL B 125 -18.76 -5.94 14.71
N ILE B 126 -18.25 -5.13 13.79
CA ILE B 126 -16.93 -5.42 13.23
C ILE B 126 -15.78 -5.51 14.26
N ILE B 127 -15.62 -4.49 15.11
CA ILE B 127 -14.52 -4.50 16.08
C ILE B 127 -14.68 -5.65 17.06
N ASN B 128 -15.91 -5.98 17.44
CA ASN B 128 -16.10 -7.11 18.35
C ASN B 128 -15.80 -8.49 17.71
N GLN B 129 -16.05 -8.62 16.41
CA GLN B 129 -15.74 -9.88 15.73
C GLN B 129 -14.25 -10.13 15.81
N PHE B 130 -13.48 -9.07 15.55
CA PHE B 130 -12.03 -9.19 15.64
C PHE B 130 -11.57 -9.46 17.08
N ILE B 131 -12.17 -8.76 18.04
CA ILE B 131 -11.77 -9.00 19.43
C ILE B 131 -12.10 -10.44 19.82
N GLN B 132 -13.32 -10.89 19.54
CA GLN B 132 -13.68 -12.23 19.94
C GLN B 132 -13.01 -13.36 19.15
N HIS B 133 -12.73 -13.16 17.86
CA HIS B 133 -12.19 -14.26 17.06
C HIS B 133 -10.80 -14.26 16.47
N SER B 134 -10.12 -13.12 16.47
CA SER B 134 -8.79 -13.07 15.87
C SER B 134 -7.68 -13.71 16.70
N GLY B 135 -7.90 -13.87 17.99
CA GLY B 135 -6.88 -14.43 18.84
C GLY B 135 -5.73 -13.47 19.11
N ARG B 136 -5.90 -12.17 18.85
CA ARG B 136 -4.82 -11.22 19.06
C ARG B 136 -5.38 -9.95 19.70
N PRO B 137 -4.51 -9.17 20.39
CA PRO B 137 -4.98 -7.92 21.02
C PRO B 137 -5.44 -7.07 19.83
N VAL B 138 -6.50 -6.32 20.02
CA VAL B 138 -7.10 -5.50 18.99
C VAL B 138 -7.27 -4.08 19.49
N PHE B 139 -7.02 -3.09 18.66
CA PHE B 139 -7.31 -1.73 19.07
C PHE B 139 -8.11 -1.04 17.95
N SER B 140 -8.96 -0.14 18.37
CA SER B 140 -9.79 0.63 17.46
C SER B 140 -9.01 1.81 16.83
N MET B 141 -9.06 1.93 15.50
CA MET B 141 -8.42 3.02 14.78
C MET B 141 -9.55 4.02 14.45
N GLU B 142 -10.68 3.78 15.10
CA GLU B 142 -11.92 4.56 15.02
C GLU B 142 -13.00 3.54 14.77
N ALA B 143 -14.02 3.56 15.62
CA ALA B 143 -15.14 2.63 15.51
C ALA B 143 -16.41 3.35 15.15
N ALA B 144 -17.51 2.63 15.23
CA ALA B 144 -18.81 3.23 14.91
C ALA B 144 -19.22 4.25 15.97
N THR B 145 -18.88 3.97 17.23
CA THR B 145 -19.31 4.87 18.31
C THR B 145 -18.23 5.44 19.23
N ARG B 146 -16.96 5.08 19.01
CA ARG B 146 -15.89 5.67 19.81
C ARG B 146 -14.67 5.89 18.88
N HIS B 147 -13.70 6.66 19.36
CA HIS B 147 -12.48 6.91 18.63
C HIS B 147 -11.46 7.14 19.77
N PRO B 148 -11.13 6.11 20.55
CA PRO B 148 -10.19 6.28 21.67
C PRO B 148 -8.82 6.81 21.37
N LEU B 149 -8.27 6.49 20.21
CA LEU B 149 -6.94 7.02 19.83
C LEU B 149 -7.04 8.53 19.71
N GLN B 150 -8.10 9.01 19.07
CA GLN B 150 -8.31 10.45 18.93
C GLN B 150 -8.51 11.11 20.33
N SER B 151 -9.42 10.55 21.14
CA SER B 151 -9.70 11.10 22.48
C SER B 151 -8.45 11.11 23.36
N PHE B 152 -7.67 10.03 23.32
CA PHE B 152 -6.43 9.96 24.07
C PHE B 152 -5.49 11.08 23.56
N ALA B 153 -5.39 11.28 22.24
CA ALA B 153 -4.54 12.36 21.70
C ALA B 153 -5.03 13.72 22.19
N ASP B 154 -6.33 13.84 22.32
CA ASP B 154 -6.93 15.10 22.74
C ASP B 154 -6.58 15.38 24.21
N LEU B 155 -6.64 14.33 25.02
CA LEU B 155 -6.33 14.40 26.44
C LEU B 155 -4.88 14.84 26.58
N ILE B 156 -3.98 14.23 25.81
CA ILE B 156 -2.54 14.56 25.85
C ILE B 156 -2.36 16.04 25.53
N THR B 157 -3.07 16.51 24.53
CA THR B 157 -3.00 17.89 24.06
C THR B 157 -3.48 18.92 25.14
N ILE B 158 -4.52 18.56 25.89
CA ILE B 158 -5.03 19.42 26.93
C ILE B 158 -4.01 19.41 28.08
N GLU B 159 -3.49 18.23 28.40
CA GLU B 159 -2.47 18.14 29.44
C GLU B 159 -1.26 18.98 28.99
N GLU B 160 -0.90 18.89 27.71
CA GLU B 160 0.25 19.61 27.17
C GLU B 160 0.15 21.11 27.17
N TYR B 161 -1.04 21.64 26.95
CA TYR B 161 -1.23 23.08 26.88
C TYR B 161 -1.96 23.71 28.06
N LYS B 162 -2.53 22.91 28.96
CA LYS B 162 -3.28 23.46 30.08
C LYS B 162 -2.45 24.41 30.97
N LYS B 163 -3.11 25.48 31.40
CA LYS B 163 -2.42 26.43 32.25
C LYS B 163 -2.83 26.25 33.68
N THR B 164 -3.64 25.23 33.93
CA THR B 164 -4.07 25.00 35.28
C THR B 164 -4.40 23.52 35.42
N ALA B 165 -4.32 23.05 36.66
CA ALA B 165 -4.57 21.67 37.02
C ALA B 165 -5.90 21.13 36.48
N ARG B 166 -6.95 21.93 36.64
CA ARG B 166 -8.26 21.48 36.23
C ARG B 166 -8.96 22.50 35.38
N PRO B 167 -8.58 22.55 34.08
CA PRO B 167 -9.19 23.50 33.13
C PRO B 167 -10.65 23.21 32.87
N LYS B 168 -11.37 24.22 32.39
CA LYS B 168 -12.78 24.06 32.03
C LYS B 168 -12.74 23.70 30.53
N VAL B 169 -13.21 22.51 30.21
CA VAL B 169 -13.18 22.03 28.84
C VAL B 169 -14.63 21.92 28.38
N VAL B 170 -14.91 22.52 27.24
CA VAL B 170 -16.24 22.49 26.64
C VAL B 170 -16.27 21.83 25.24
N MET B 171 -17.15 20.84 25.07
CA MET B 171 -17.31 20.23 23.77
C MET B 171 -18.54 20.87 23.16
N THR B 172 -18.39 21.54 22.03
CA THR B 172 -19.53 22.15 21.38
C THR B 172 -19.82 21.59 20.00
N TRP B 173 -21.11 21.42 19.71
CA TRP B 173 -21.55 20.99 18.41
C TRP B 173 -21.35 22.22 17.54
N ALA B 174 -21.28 22.02 16.23
CA ALA B 174 -21.18 23.10 15.25
C ALA B 174 -21.77 22.45 13.97
N PRO B 175 -22.37 23.26 13.07
CA PRO B 175 -22.99 22.78 11.82
C PRO B 175 -22.10 22.20 10.72
N HIS B 176 -22.62 21.18 10.03
CA HIS B 176 -21.91 20.52 8.94
C HIS B 176 -22.88 20.16 7.83
N PRO B 177 -22.41 20.16 6.58
CA PRO B 177 -23.21 19.84 5.39
C PRO B 177 -23.71 18.40 5.35
N ARG B 178 -22.99 17.48 5.96
CA ARG B 178 -23.45 16.11 5.89
C ARG B 178 -23.64 15.46 7.26
N PRO B 179 -24.37 14.34 7.30
CA PRO B 179 -24.61 13.63 8.57
C PRO B 179 -23.35 12.87 9.04
N LEU B 180 -22.74 13.34 10.14
CA LEU B 180 -21.53 12.72 10.68
C LEU B 180 -21.84 11.83 11.88
N PRO B 181 -21.00 10.80 12.13
CA PRO B 181 -21.25 9.91 13.26
C PRO B 181 -20.95 10.57 14.61
N GLN B 182 -21.40 9.95 15.70
CA GLN B 182 -21.19 10.49 17.03
C GLN B 182 -19.94 9.85 17.70
N ALA B 183 -19.14 9.17 16.91
CA ALA B 183 -17.95 8.53 17.46
C ALA B 183 -16.98 9.45 18.23
N VAL B 184 -16.61 10.57 17.63
CA VAL B 184 -15.65 11.50 18.25
C VAL B 184 -16.29 12.10 19.52
N PRO B 185 -17.49 12.71 19.41
CA PRO B 185 -18.20 13.31 20.54
C PRO B 185 -18.44 12.28 21.63
N ASN B 186 -18.88 11.07 21.29
CA ASN B 186 -19.12 10.06 22.32
C ASN B 186 -17.81 9.80 23.08
N SER B 187 -16.73 9.64 22.32
CA SER B 187 -15.44 9.32 22.89
C SER B 187 -14.81 10.46 23.72
N PHE B 188 -14.91 11.70 23.23
CA PHE B 188 -14.38 12.83 23.98
C PHE B 188 -15.10 12.90 25.33
N ALA B 189 -16.44 12.79 25.33
CA ALA B 189 -17.18 12.82 26.60
C ALA B 189 -16.75 11.71 27.51
N GLU B 190 -16.56 10.50 26.94
CA GLU B 190 -16.14 9.34 27.73
C GLU B 190 -14.82 9.64 28.46
N TRP B 191 -13.87 10.19 27.73
CA TRP B 191 -12.55 10.48 28.31
C TRP B 191 -12.60 11.67 29.28
N MET B 192 -13.24 12.76 28.88
CA MET B 192 -13.33 13.90 29.78
C MET B 192 -14.01 13.51 31.09
N ASN B 193 -15.02 12.63 31.03
CA ASN B 193 -15.73 12.16 32.23
C ASN B 193 -14.79 11.35 33.12
N ALA B 194 -13.67 10.93 32.57
CA ALA B 194 -12.75 10.14 33.37
C ALA B 194 -11.72 11.03 34.07
N THR B 195 -11.70 12.30 33.71
CA THR B 195 -10.75 13.24 34.32
C THR B 195 -11.43 14.00 35.46
N ASP B 196 -10.65 14.88 36.11
CA ASP B 196 -11.23 15.69 37.15
C ASP B 196 -11.39 17.13 36.63
N TYR B 197 -11.48 17.27 35.32
CA TYR B 197 -11.67 18.60 34.68
C TYR B 197 -13.14 19.05 34.83
N GLU B 198 -13.39 20.33 34.61
CA GLU B 198 -14.77 20.83 34.63
C GLU B 198 -15.21 20.66 33.19
N PHE B 199 -16.02 19.65 32.95
CA PHE B 199 -16.42 19.33 31.59
C PHE B 199 -17.86 19.72 31.31
N VAL B 200 -18.03 20.47 30.21
CA VAL B 200 -19.34 20.94 29.77
C VAL B 200 -19.65 20.54 28.32
N ILE B 201 -20.86 20.02 28.06
CA ILE B 201 -21.25 19.66 26.68
C ILE B 201 -22.34 20.68 26.26
N THR B 202 -22.20 21.25 25.07
CA THR B 202 -23.20 22.19 24.59
C THR B 202 -23.57 21.94 23.14
N HIS B 203 -24.86 21.69 22.91
CA HIS B 203 -25.34 21.42 21.55
C HIS B 203 -26.80 21.87 21.37
N PRO B 204 -27.31 21.86 20.13
CA PRO B 204 -28.72 22.27 19.92
C PRO B 204 -29.68 21.23 20.47
N GLU B 205 -30.91 21.64 20.77
CA GLU B 205 -31.87 20.68 21.28
C GLU B 205 -32.06 19.58 20.22
N GLY B 206 -32.14 18.32 20.66
CA GLY B 206 -32.27 17.22 19.73
C GLY B 206 -30.93 16.50 19.44
N TYR B 207 -29.81 17.15 19.73
CA TYR B 207 -28.52 16.51 19.44
C TYR B 207 -27.94 15.75 20.63
N GLU B 208 -28.81 15.40 21.59
CA GLU B 208 -28.38 14.67 22.76
C GLU B 208 -27.68 13.37 22.36
N LEU B 209 -26.55 13.08 23.02
CA LEU B 209 -25.76 11.86 22.76
C LEU B 209 -26.24 10.75 23.68
N ASP B 210 -25.87 9.50 23.41
CA ASP B 210 -26.34 8.43 24.29
C ASP B 210 -25.88 8.67 25.72
N PRO B 211 -26.77 8.44 26.70
CA PRO B 211 -26.40 8.65 28.10
C PRO B 211 -25.24 7.74 28.54
N LYS B 212 -24.96 6.71 27.74
CA LYS B 212 -23.85 5.80 28.05
C LYS B 212 -22.54 6.61 27.97
N PHE B 213 -22.54 7.66 27.16
CA PHE B 213 -21.36 8.49 26.99
C PHE B 213 -21.45 9.81 27.76
N VAL B 214 -22.64 10.41 27.77
CA VAL B 214 -22.87 11.63 28.52
C VAL B 214 -22.66 11.33 30.00
N GLY B 215 -23.27 10.24 30.46
CA GLY B 215 -23.14 9.91 31.87
C GLY B 215 -23.51 11.07 32.77
N ASN B 216 -22.63 11.43 33.72
CA ASN B 216 -22.93 12.51 34.65
C ASN B 216 -22.57 13.91 34.16
N ALA B 217 -22.01 14.02 32.95
CA ALA B 217 -21.60 15.32 32.38
C ALA B 217 -22.68 16.40 32.30
N ARG B 218 -22.26 17.66 32.42
CA ARG B 218 -23.19 18.79 32.34
C ARG B 218 -23.50 19.11 30.90
N VAL B 219 -24.79 19.23 30.58
CA VAL B 219 -25.21 19.57 29.23
C VAL B 219 -25.85 20.92 29.33
N GLU B 220 -25.37 21.84 28.50
CA GLU B 220 -25.81 23.23 28.47
C GLU B 220 -26.26 23.60 27.05
N TYR B 221 -27.53 23.91 26.87
CA TYR B 221 -28.06 24.24 25.54
C TYR B 221 -27.77 25.64 25.06
N ASP B 222 -27.33 26.49 25.98
CA ASP B 222 -27.02 27.86 25.65
C ASP B 222 -25.52 27.85 25.43
N GLN B 223 -25.13 27.95 24.16
CA GLN B 223 -23.71 27.91 23.77
C GLN B 223 -22.85 28.97 24.45
N MET B 224 -23.31 30.21 24.44
CA MET B 224 -22.53 31.27 25.08
C MET B 224 -22.36 30.96 26.59
N LYS B 225 -23.46 30.62 27.25
CA LYS B 225 -23.36 30.32 28.67
C LYS B 225 -22.32 29.22 28.91
N ALA B 226 -22.34 28.18 28.08
CA ALA B 226 -21.39 27.08 28.22
C ALA B 226 -19.91 27.53 28.04
N PHE B 227 -19.69 28.46 27.12
CA PHE B 227 -18.37 28.99 26.79
C PHE B 227 -17.72 29.89 27.84
N GLU B 228 -18.52 30.63 28.59
CA GLU B 228 -17.89 31.57 29.53
C GLU B 228 -16.90 30.91 30.49
N GLY B 229 -15.72 31.52 30.60
CA GLY B 229 -14.70 31.00 31.50
C GLY B 229 -13.95 29.75 31.04
N ALA B 230 -14.37 29.17 29.92
CA ALA B 230 -13.70 27.96 29.42
C ALA B 230 -12.18 28.14 29.16
N ASP B 231 -11.42 27.07 29.35
CA ASP B 231 -9.98 27.08 29.05
C ASP B 231 -9.70 26.37 27.71
N PHE B 232 -10.56 25.42 27.36
CA PHE B 232 -10.46 24.73 26.07
C PHE B 232 -11.83 24.58 25.42
N ILE B 233 -11.86 24.80 24.11
CA ILE B 233 -13.06 24.62 23.31
C ILE B 233 -12.78 23.50 22.29
N TYR B 234 -13.51 22.39 22.43
CA TYR B 234 -13.38 21.26 21.53
C TYR B 234 -14.66 21.23 20.69
N ALA B 235 -14.55 21.60 19.43
CA ALA B 235 -15.69 21.62 18.51
C ALA B 235 -15.76 20.35 17.64
N LYS B 236 -16.98 19.92 17.32
CA LYS B 236 -17.16 18.76 16.45
C LYS B 236 -18.62 18.68 16.02
N ASN B 237 -18.88 18.35 14.76
CA ASN B 237 -20.26 18.18 14.37
C ASN B 237 -20.60 16.70 14.48
N TRP B 238 -21.87 16.43 14.77
CA TRP B 238 -22.37 15.07 14.77
C TRP B 238 -23.84 15.19 14.35
N ALA B 239 -24.36 14.10 13.77
CA ALA B 239 -25.75 13.98 13.33
C ALA B 239 -26.53 13.62 14.57
N ALA B 240 -27.84 13.82 14.51
CA ALA B 240 -28.67 13.50 15.66
C ALA B 240 -28.55 12.00 15.98
N TYR B 241 -28.85 11.65 17.21
CA TYR B 241 -28.76 10.29 17.67
C TYR B 241 -30.05 9.73 18.30
N THR B 242 -30.72 10.55 19.09
CA THR B 242 -31.91 10.11 19.80
C THR B 242 -33.18 9.87 19.00
N GLY B 243 -33.95 8.89 19.46
CA GLY B 243 -35.21 8.54 18.82
C GLY B 243 -35.25 8.40 17.31
N ASP B 244 -36.24 9.07 16.72
CA ASP B 244 -36.46 9.00 15.29
C ASP B 244 -35.48 9.75 14.42
N ASN B 245 -34.58 10.52 15.01
CA ASN B 245 -33.66 11.28 14.17
C ASN B 245 -32.28 10.68 13.95
N TYR B 246 -32.05 9.46 14.43
CA TYR B 246 -30.75 8.83 14.27
C TYR B 246 -30.15 9.07 12.87
N GLY B 247 -28.93 9.59 12.85
CA GLY B 247 -28.22 9.84 11.61
C GLY B 247 -28.65 11.03 10.79
N GLN B 248 -29.60 11.81 11.30
CA GLN B 248 -30.09 12.93 10.54
C GLN B 248 -29.62 14.30 11.00
N ILE B 249 -29.58 15.22 10.03
CA ILE B 249 -29.20 16.59 10.30
C ILE B 249 -30.48 17.30 10.69
N LEU B 250 -30.52 17.85 11.89
CA LEU B 250 -31.68 18.57 12.39
C LEU B 250 -31.46 20.09 12.27
N SER B 251 -30.22 20.51 12.02
CA SER B 251 -29.90 21.93 11.92
C SER B 251 -28.54 22.19 11.30
N THR B 252 -28.40 23.39 10.73
CA THR B 252 -27.15 23.85 10.11
C THR B 252 -26.98 25.32 10.51
N ASP B 253 -27.48 25.58 11.71
CA ASP B 253 -27.45 26.90 12.31
C ASP B 253 -26.02 27.44 12.50
N ARG B 254 -25.63 28.40 11.66
CA ARG B 254 -24.31 28.98 11.71
C ARG B 254 -24.10 29.84 12.98
N ASN B 255 -25.14 29.97 13.79
CA ASN B 255 -24.95 30.72 15.03
C ASN B 255 -24.08 29.84 15.96
N TRP B 256 -23.96 28.55 15.66
CA TRP B 256 -23.13 27.71 16.51
C TRP B 256 -21.68 27.68 16.03
N THR B 257 -21.44 28.15 14.81
CA THR B 257 -20.09 28.18 14.28
C THR B 257 -19.23 28.96 15.28
N VAL B 258 -18.11 28.37 15.70
CA VAL B 258 -17.21 29.00 16.67
C VAL B 258 -16.33 30.08 16.06
N GLY B 259 -16.58 31.31 16.52
CA GLY B 259 -15.84 32.47 16.09
C GLY B 259 -15.50 33.34 17.32
N ASP B 260 -15.01 34.55 17.06
CA ASP B 260 -14.63 35.48 18.12
C ASP B 260 -15.75 35.80 19.11
N ARG B 261 -16.99 35.75 18.62
CA ARG B 261 -18.13 36.05 19.45
C ARG B 261 -18.19 35.12 20.67
N GLN B 262 -18.00 33.82 20.44
CA GLN B 262 -18.04 32.88 21.54
C GLN B 262 -16.72 32.80 22.29
N MET B 263 -15.61 32.83 21.56
CA MET B 263 -14.30 32.72 22.17
C MET B 263 -14.08 33.89 23.16
N ALA B 264 -14.65 35.04 22.82
CA ALA B 264 -14.53 36.24 23.66
C ALA B 264 -14.95 35.99 25.11
N VAL B 265 -15.95 35.15 25.33
CA VAL B 265 -16.41 34.87 26.71
C VAL B 265 -15.64 33.75 27.43
N THR B 266 -14.66 33.16 26.75
CA THR B 266 -13.82 32.11 27.37
C THR B 266 -12.63 32.85 28.02
N ASN B 267 -11.84 32.16 28.84
CA ASN B 267 -10.67 32.78 29.43
C ASN B 267 -9.54 32.58 28.44
N ASN B 268 -9.67 33.25 27.31
CA ASN B 268 -8.73 33.15 26.22
C ASN B 268 -8.48 31.64 25.96
N ALA B 269 -9.56 30.88 25.82
CA ALA B 269 -9.46 29.44 25.62
C ALA B 269 -8.74 28.99 24.33
N TYR B 270 -8.11 27.82 24.41
CA TYR B 270 -7.46 27.21 23.25
C TYR B 270 -8.60 26.62 22.41
N PHE B 271 -8.37 26.42 21.12
CA PHE B 271 -9.37 25.83 20.23
C PHE B 271 -8.87 24.49 19.67
N MET B 272 -9.68 23.46 19.81
CA MET B 272 -9.31 22.14 19.34
C MET B 272 -10.37 21.59 18.39
N HIS B 273 -9.90 20.75 17.47
CA HIS B 273 -10.73 20.03 16.50
C HIS B 273 -9.92 18.84 16.01
N CYS B 274 -10.59 17.71 15.92
CA CYS B 274 -9.97 16.45 15.53
C CYS B 274 -9.57 16.35 14.06
N LEU B 275 -10.09 17.27 13.25
CA LEU B 275 -9.85 17.29 11.80
C LEU B 275 -10.51 16.07 11.10
N PRO B 276 -10.88 16.24 9.81
CA PRO B 276 -10.72 17.46 9.00
C PRO B 276 -11.75 18.51 9.45
N VAL B 277 -11.48 19.77 9.21
CA VAL B 277 -12.40 20.83 9.64
C VAL B 277 -12.90 21.73 8.52
N ARG B 278 -14.20 21.95 8.43
CA ARG B 278 -14.75 22.85 7.43
C ARG B 278 -14.75 24.28 7.98
N ARG B 279 -13.97 25.13 7.36
CA ARG B 279 -13.88 26.50 7.83
C ARG B 279 -15.19 27.27 7.65
N ASN B 280 -15.48 28.10 8.65
CA ASN B 280 -16.66 28.94 8.64
C ASN B 280 -17.97 28.15 8.71
N MET B 281 -17.84 26.88 9.05
CA MET B 281 -18.98 26.02 9.27
C MET B 281 -18.76 25.58 10.71
N ILE B 282 -17.59 25.02 10.99
CA ILE B 282 -17.29 24.58 12.35
C ILE B 282 -16.68 25.70 13.17
N VAL B 283 -15.78 26.46 12.53
CA VAL B 283 -15.04 27.51 13.21
C VAL B 283 -14.52 28.48 12.15
N THR B 284 -14.49 29.77 12.48
CA THR B 284 -14.04 30.82 11.56
C THR B 284 -12.51 30.84 11.32
N ASP B 285 -12.10 31.43 10.20
CA ASP B 285 -10.68 31.53 9.89
C ASP B 285 -9.89 32.20 11.00
N ASP B 286 -10.49 33.22 11.60
CA ASP B 286 -9.79 33.95 12.62
C ASP B 286 -9.51 33.09 13.84
N VAL B 287 -10.49 32.33 14.31
CA VAL B 287 -10.25 31.50 15.49
C VAL B 287 -9.27 30.36 15.19
N ILE B 288 -9.44 29.67 14.06
CA ILE B 288 -8.55 28.57 13.76
C ILE B 288 -7.17 29.05 13.31
N GLU B 289 -7.02 30.33 13.03
CA GLU B 289 -5.71 30.84 12.66
C GLU B 289 -5.09 31.63 13.81
N SER B 290 -5.79 31.78 14.92
CA SER B 290 -5.25 32.50 16.07
C SER B 290 -4.20 31.67 16.82
N PRO B 291 -3.41 32.30 17.71
CA PRO B 291 -2.43 31.47 18.41
C PRO B 291 -3.06 30.53 19.41
N GLN B 292 -4.37 30.66 19.63
CA GLN B 292 -5.06 29.80 20.57
C GLN B 292 -5.47 28.51 19.88
N SER B 293 -5.24 28.42 18.57
CA SER B 293 -5.63 27.22 17.85
C SER B 293 -4.50 26.22 17.94
N ILE B 294 -4.77 25.06 18.53
CA ILE B 294 -3.74 24.04 18.64
C ILE B 294 -4.13 22.76 17.89
N VAL B 295 -4.88 22.94 16.80
CA VAL B 295 -5.36 21.87 15.94
C VAL B 295 -4.22 20.98 15.39
N ILE B 296 -3.10 21.61 15.04
CA ILE B 296 -1.97 20.85 14.50
C ILE B 296 -1.23 20.09 15.61
N PRO B 297 -0.91 20.76 16.73
CA PRO B 297 -0.21 20.02 17.79
C PRO B 297 -1.09 18.85 18.25
N GLU B 298 -2.41 19.08 18.25
CA GLU B 298 -3.41 18.08 18.61
C GLU B 298 -3.26 16.88 17.63
N ALA B 299 -3.21 17.18 16.33
CA ALA B 299 -3.03 16.13 15.30
C ALA B 299 -1.68 15.40 15.54
N ALA B 300 -0.63 16.16 15.84
CA ALA B 300 0.68 15.56 16.10
C ALA B 300 0.56 14.53 17.23
N ASN B 301 -0.28 14.84 18.22
CA ASN B 301 -0.47 13.93 19.35
C ASN B 301 -1.11 12.61 19.02
N ARG B 302 -1.72 12.50 17.83
CA ARG B 302 -2.30 11.25 17.40
C ARG B 302 -1.16 10.22 17.31
N GLU B 303 0.04 10.66 16.91
CA GLU B 303 1.21 9.77 16.84
C GLU B 303 1.55 9.25 18.24
N ILE B 304 1.47 10.16 19.20
CA ILE B 304 1.79 9.82 20.57
C ILE B 304 0.77 8.88 21.22
N SER B 305 -0.52 9.15 21.07
CA SER B 305 -1.49 8.21 21.70
C SER B 305 -1.34 6.82 21.07
N ALA B 306 -1.13 6.75 19.74
CA ALA B 306 -1.00 5.42 19.13
C ALA B 306 0.28 4.71 19.60
N THR B 307 1.36 5.46 19.84
CA THR B 307 2.61 4.82 20.32
C THR B 307 2.41 4.25 21.74
N VAL B 308 1.77 5.03 22.62
CA VAL B 308 1.54 4.54 23.98
C VAL B 308 0.64 3.28 23.96
N VAL B 309 -0.41 3.30 23.16
CA VAL B 309 -1.29 2.14 23.09
C VAL B 309 -0.55 0.91 22.59
N LEU B 310 0.16 1.06 21.47
CA LEU B 310 0.94 -0.05 20.90
C LEU B 310 1.99 -0.52 21.91
N LYS B 311 2.61 0.42 22.61
CA LYS B 311 3.60 0.04 23.63
C LYS B 311 2.93 -0.82 24.72
N ARG B 312 1.78 -0.39 25.21
CA ARG B 312 1.12 -1.19 26.24
C ARG B 312 0.62 -2.54 25.73
N LEU B 313 0.13 -2.58 24.49
CA LEU B 313 -0.32 -3.85 23.96
C LEU B 313 0.89 -4.78 23.81
N LEU B 314 2.04 -4.21 23.40
CA LEU B 314 3.24 -5.01 23.24
C LEU B 314 3.73 -5.54 24.59
N GLU B 315 3.72 -4.68 25.60
CA GLU B 315 4.17 -5.07 26.94
C GLU B 315 3.34 -6.19 27.48
N ASN B 316 2.15 -6.38 26.96
CA ASN B 316 1.34 -7.46 27.49
C ASN B 316 1.16 -8.71 26.63
N LEU B 317 2.04 -8.94 25.66
CA LEU B 317 1.97 -10.13 24.83
C LEU B 317 2.71 -11.22 25.59
N PRO B 318 2.46 -12.51 25.24
CA PRO B 318 3.15 -13.62 25.92
C PRO B 318 4.66 -13.65 25.61
N MET C 1 18.12 -23.66 -5.59
CA MET C 1 16.74 -23.34 -6.09
C MET C 1 16.81 -21.99 -6.80
N LYS C 2 16.46 -21.96 -8.07
CA LYS C 2 16.53 -20.76 -8.89
C LYS C 2 15.23 -20.01 -9.07
N LYS C 3 14.13 -20.71 -8.75
CA LYS C 3 12.78 -20.17 -8.85
C LYS C 3 11.89 -21.09 -8.01
N PHE C 4 10.63 -20.72 -7.82
CA PHE C 4 9.73 -21.60 -7.10
C PHE C 4 8.35 -21.51 -7.72
N THR C 5 8.09 -22.41 -8.66
CA THR C 5 6.80 -22.43 -9.34
C THR C 5 6.12 -23.79 -9.30
N CYS C 6 6.87 -24.84 -8.94
CA CYS C 6 6.35 -26.22 -8.89
C CYS C 6 7.08 -27.04 -7.83
N VAL C 7 6.58 -28.23 -7.52
CA VAL C 7 7.21 -29.05 -6.50
C VAL C 7 8.66 -29.40 -6.83
N GLN C 8 8.96 -29.61 -8.12
CA GLN C 8 10.32 -29.98 -8.50
C GLN C 8 11.33 -28.96 -7.98
N ASP C 9 10.95 -27.68 -7.92
CA ASP C 9 11.86 -26.64 -7.46
C ASP C 9 12.37 -26.81 -6.03
N ILE C 10 11.56 -27.40 -5.17
CA ILE C 10 11.92 -27.58 -3.76
C ILE C 10 12.89 -28.75 -3.51
N GLY C 11 13.12 -29.58 -4.52
CA GLY C 11 14.01 -30.70 -4.32
C GLY C 11 13.54 -31.74 -3.30
N ASP C 12 14.48 -32.26 -2.53
CA ASP C 12 14.21 -33.29 -1.54
C ASP C 12 13.14 -32.88 -0.51
N LEU C 13 12.03 -33.57 -0.50
CA LEU C 13 10.95 -33.23 0.44
C LEU C 13 11.34 -33.34 1.91
N LYS C 14 12.18 -34.33 2.24
CA LYS C 14 12.56 -34.54 3.63
C LYS C 14 13.26 -33.33 4.26
N SER C 15 14.23 -32.75 3.57
CA SER C 15 14.92 -31.61 4.14
C SER C 15 14.08 -30.32 4.11
N ALA C 16 13.21 -30.19 3.12
CA ALA C 16 12.36 -29.02 3.04
C ALA C 16 11.41 -29.05 4.25
N LEU C 17 10.94 -30.25 4.60
CA LEU C 17 10.05 -30.43 5.75
C LEU C 17 10.81 -30.21 7.06
N ALA C 18 12.04 -30.70 7.16
CA ALA C 18 12.81 -30.50 8.38
C ALA C 18 12.96 -29.00 8.61
N GLU C 19 13.25 -28.26 7.55
CA GLU C 19 13.38 -26.81 7.70
C GLU C 19 12.06 -26.16 8.08
N SER C 20 10.97 -26.66 7.51
CA SER C 20 9.65 -26.10 7.83
C SER C 20 9.41 -26.21 9.33
N PHE C 21 9.58 -27.42 9.88
CA PHE C 21 9.38 -27.59 11.31
C PHE C 21 10.38 -26.82 12.17
N GLU C 22 11.60 -26.61 11.68
CA GLU C 22 12.59 -25.87 12.44
C GLU C 22 12.13 -24.42 12.56
N ILE C 23 11.56 -23.90 11.48
CA ILE C 23 11.05 -22.53 11.50
C ILE C 23 9.72 -22.41 12.26
N LYS C 24 8.91 -23.47 12.30
CA LYS C 24 7.67 -23.37 13.05
C LYS C 24 7.98 -23.18 14.54
N LYS C 25 9.04 -23.83 15.01
CA LYS C 25 9.43 -23.74 16.40
C LYS C 25 10.26 -22.52 16.74
N ASP C 26 11.01 -22.01 15.77
CA ASP C 26 11.90 -20.86 16.00
C ASP C 26 11.70 -19.97 14.79
N ARG C 27 10.62 -19.21 14.80
CA ARG C 27 10.21 -18.38 13.67
C ARG C 27 11.19 -17.37 13.09
N PHE C 28 11.95 -16.71 13.95
CA PHE C 28 12.91 -15.70 13.56
C PHE C 28 14.35 -16.19 13.56
N LYS C 29 14.53 -17.50 13.52
CA LYS C 29 15.87 -18.07 13.53
C LYS C 29 16.73 -17.48 12.41
N TYR C 30 16.16 -17.29 11.23
CA TYR C 30 16.91 -16.74 10.11
C TYR C 30 16.65 -15.29 9.78
N VAL C 31 16.29 -14.51 10.78
CA VAL C 31 15.96 -13.12 10.56
C VAL C 31 17.09 -12.26 9.94
N GLU C 32 18.35 -12.69 10.11
CA GLU C 32 19.49 -11.98 9.51
C GLU C 32 19.76 -12.38 8.06
N LEU C 33 19.30 -13.55 7.64
CA LEU C 33 19.54 -14.03 6.28
C LEU C 33 19.08 -13.05 5.20
N GLY C 34 17.98 -12.35 5.47
CA GLY C 34 17.43 -11.44 4.49
C GLY C 34 17.75 -9.96 4.61
N ARG C 35 18.61 -9.59 5.56
CA ARG C 35 18.98 -8.19 5.78
C ARG C 35 19.51 -7.58 4.48
N ASN C 36 18.97 -6.41 4.17
CA ASN C 36 19.28 -5.60 2.98
C ASN C 36 18.94 -6.31 1.66
N LYS C 37 18.02 -7.28 1.73
CA LYS C 37 17.54 -8.03 0.56
C LYS C 37 16.09 -7.61 0.38
N THR C 38 15.72 -7.25 -0.83
CA THR C 38 14.39 -6.73 -1.10
C THR C 38 13.51 -7.68 -1.89
N LEU C 39 12.33 -7.94 -1.33
CA LEU C 39 11.34 -8.79 -1.98
C LEU C 39 10.33 -7.85 -2.62
N LEU C 40 10.03 -8.10 -3.89
CA LEU C 40 9.02 -7.33 -4.64
C LEU C 40 7.85 -8.30 -4.89
N MET C 41 6.69 -8.04 -4.30
CA MET C 41 5.49 -8.86 -4.51
C MET C 41 4.58 -8.14 -5.50
N ILE C 42 4.19 -8.83 -6.56
CA ILE C 42 3.36 -8.20 -7.59
C ILE C 42 2.08 -8.98 -7.73
N PHE C 43 0.96 -8.31 -7.53
CA PHE C 43 -0.34 -8.95 -7.64
C PHE C 43 -1.05 -8.45 -8.88
N PHE C 44 -1.37 -9.36 -9.81
CA PHE C 44 -2.09 -9.03 -11.04
C PHE C 44 -3.56 -9.36 -10.84
N ASN C 45 -3.79 -10.08 -9.75
CA ASN C 45 -5.11 -10.48 -9.28
C ASN C 45 -5.01 -10.19 -7.78
N SER C 46 -5.89 -9.34 -7.27
CA SER C 46 -5.83 -8.98 -5.86
C SER C 46 -5.92 -10.18 -4.92
N SER C 47 -5.41 -9.98 -3.72
CA SER C 47 -5.47 -11.01 -2.71
C SER C 47 -5.30 -10.32 -1.37
N LEU C 48 -5.50 -11.10 -0.32
CA LEU C 48 -5.36 -10.60 1.03
C LEU C 48 -4.72 -11.72 1.84
N ARG C 49 -5.08 -12.97 1.58
CA ARG C 49 -4.48 -14.07 2.34
C ARG C 49 -3.01 -14.27 1.95
N THR C 50 -2.74 -14.40 0.66
CA THR C 50 -1.37 -14.63 0.22
C THR C 50 -0.52 -13.39 0.49
N ARG C 51 -1.13 -12.24 0.28
CA ARG C 51 -0.48 -10.97 0.53
C ARG C 51 0.04 -10.91 1.99
N LEU C 52 -0.85 -11.18 2.94
CA LEU C 52 -0.52 -11.16 4.38
C LEU C 52 0.50 -12.25 4.78
N SER C 53 0.24 -13.49 4.39
CA SER C 53 1.17 -14.56 4.79
C SER C 53 2.55 -14.44 4.15
N THR C 54 2.61 -13.93 2.92
CA THR C 54 3.92 -13.80 2.28
C THR C 54 4.75 -12.66 2.91
N GLN C 55 4.11 -11.55 3.25
CA GLN C 55 4.82 -10.44 3.86
C GLN C 55 5.35 -10.89 5.21
N LYS C 56 4.51 -11.58 5.98
CA LYS C 56 4.91 -12.06 7.29
C LYS C 56 6.11 -12.97 7.15
N ALA C 57 6.11 -13.82 6.13
CA ALA C 57 7.26 -14.71 5.90
C ALA C 57 8.54 -13.95 5.59
N ALA C 58 8.43 -12.93 4.75
CA ALA C 58 9.64 -12.17 4.39
C ALA C 58 10.17 -11.43 5.61
N LEU C 59 9.29 -10.99 6.49
CA LEU C 59 9.74 -10.31 7.72
C LEU C 59 10.44 -11.33 8.65
N ASN C 60 10.00 -12.61 8.61
CA ASN C 60 10.64 -13.66 9.38
C ASN C 60 12.12 -13.74 8.99
N LEU C 61 12.42 -13.29 7.79
CA LEU C 61 13.79 -13.37 7.26
C LEU C 61 14.48 -12.02 7.25
N GLY C 62 13.84 -11.02 7.84
CA GLY C 62 14.42 -9.70 7.90
C GLY C 62 14.54 -8.97 6.59
N MET C 63 13.76 -9.38 5.59
CA MET C 63 13.75 -8.73 4.28
C MET C 63 12.94 -7.44 4.22
N ASN C 64 13.31 -6.60 3.25
CA ASN C 64 12.58 -5.35 2.94
C ASN C 64 11.49 -5.89 2.01
N VAL C 65 10.33 -5.28 2.05
CA VAL C 65 9.25 -5.73 1.23
C VAL C 65 8.60 -4.60 0.47
N ILE C 66 8.39 -4.80 -0.83
CA ILE C 66 7.71 -3.79 -1.64
C ILE C 66 6.56 -4.51 -2.38
N VAL C 67 5.34 -4.02 -2.19
CA VAL C 67 4.20 -4.64 -2.82
C VAL C 67 3.62 -3.75 -3.92
N LEU C 68 3.39 -4.32 -5.11
CA LEU C 68 2.79 -3.57 -6.21
C LEU C 68 1.49 -4.28 -6.61
N ASP C 69 0.45 -3.49 -6.85
CA ASP C 69 -0.83 -4.02 -7.30
C ASP C 69 -1.03 -3.53 -8.73
N ILE C 70 -1.11 -4.45 -9.68
CA ILE C 70 -1.30 -4.10 -11.08
C ILE C 70 -2.58 -4.79 -11.55
N ASN C 71 -3.60 -3.99 -11.86
CA ASN C 71 -4.88 -4.53 -12.33
C ASN C 71 -4.81 -4.63 -13.86
N GLN C 72 -5.76 -5.34 -14.48
CA GLN C 72 -5.76 -5.50 -15.93
C GLN C 72 -5.91 -4.13 -16.59
N GLY C 73 -5.15 -3.93 -17.66
CA GLY C 73 -5.22 -2.66 -18.35
C GLY C 73 -3.97 -1.91 -17.99
N ALA C 74 -3.42 -2.25 -16.83
CA ALA C 74 -2.19 -1.63 -16.38
C ALA C 74 -1.06 -2.59 -16.78
N TRP C 75 -1.42 -3.69 -17.46
CA TRP C 75 -0.40 -4.64 -17.89
C TRP C 75 -0.51 -5.08 -19.35
N LYS C 76 -0.56 -4.10 -20.25
CA LYS C 76 -0.61 -4.39 -21.68
C LYS C 76 0.84 -4.31 -22.19
N LEU C 77 1.49 -5.45 -22.32
CA LEU C 77 2.89 -5.50 -22.79
C LEU C 77 3.04 -5.95 -24.25
N GLU C 78 3.70 -5.16 -25.07
CA GLU C 78 3.92 -5.56 -26.45
C GLU C 78 4.97 -6.64 -26.40
N THR C 79 4.79 -7.67 -27.20
CA THR C 79 5.78 -8.74 -27.26
C THR C 79 6.35 -8.95 -28.67
N GLU C 80 5.73 -8.35 -29.68
CA GLU C 80 6.20 -8.53 -31.05
C GLU C 80 7.18 -7.46 -31.50
N ARG C 81 7.93 -7.77 -32.54
CA ARG C 81 8.88 -6.85 -33.12
C ARG C 81 8.21 -6.15 -34.29
N GLY C 82 8.69 -4.95 -34.64
CA GLY C 82 8.12 -4.21 -35.76
C GLY C 82 6.74 -3.58 -35.58
N VAL C 83 6.31 -3.44 -34.33
CA VAL C 83 5.00 -2.86 -34.03
C VAL C 83 5.07 -1.37 -33.82
N ILE C 84 4.22 -0.63 -34.52
CA ILE C 84 4.18 0.80 -34.28
C ILE C 84 3.29 0.85 -33.02
N MET C 85 3.93 1.05 -31.88
CA MET C 85 3.22 1.07 -30.60
C MET C 85 2.53 2.38 -30.30
N ASP C 86 1.50 2.69 -31.09
CA ASP C 86 0.73 3.91 -30.84
C ASP C 86 -0.71 3.49 -30.44
N GLY C 87 -0.82 2.26 -29.94
CA GLY C 87 -2.10 1.73 -29.52
C GLY C 87 -2.30 1.76 -28.02
N ASP C 88 -2.82 0.67 -27.47
CA ASP C 88 -3.11 0.62 -26.04
C ASP C 88 -1.95 0.13 -25.19
N LYS C 89 -1.03 -0.66 -25.76
CA LYS C 89 0.12 -1.15 -25.00
C LYS C 89 1.13 0.01 -24.87
N PRO C 90 1.39 0.47 -23.63
CA PRO C 90 2.33 1.57 -23.46
C PRO C 90 3.81 1.20 -23.47
N GLU C 91 4.12 -0.08 -23.31
CA GLU C 91 5.50 -0.50 -23.35
C GLU C 91 5.75 -1.93 -23.76
N HIS C 92 6.99 -2.22 -24.12
CA HIS C 92 7.39 -3.53 -24.56
C HIS C 92 7.94 -4.35 -23.41
N LEU C 93 7.71 -5.66 -23.52
CA LEU C 93 8.17 -6.64 -22.55
C LEU C 93 9.67 -6.54 -22.27
N LEU C 94 10.45 -6.36 -23.32
CA LEU C 94 11.90 -6.30 -23.17
C LEU C 94 12.44 -5.10 -22.40
N GLU C 95 11.57 -4.12 -22.14
CA GLU C 95 11.95 -2.96 -21.35
C GLU C 95 11.34 -3.06 -19.94
N ALA C 96 10.02 -3.27 -19.89
CA ALA C 96 9.28 -3.30 -18.63
C ALA C 96 9.72 -4.31 -17.60
N ILE C 97 9.84 -5.58 -17.98
CA ILE C 97 10.22 -6.58 -17.00
C ILE C 97 11.68 -6.48 -16.57
N PRO C 98 12.61 -6.26 -17.51
CA PRO C 98 13.97 -6.15 -16.98
C PRO C 98 14.08 -4.96 -15.99
N VAL C 99 13.38 -3.88 -16.30
CA VAL C 99 13.45 -2.70 -15.43
C VAL C 99 12.97 -3.01 -14.03
N MET C 100 11.85 -3.71 -13.91
CA MET C 100 11.32 -4.08 -12.60
C MET C 100 12.34 -4.86 -11.79
N GLY C 101 13.10 -5.72 -12.46
CA GLY C 101 14.10 -6.51 -11.78
C GLY C 101 15.25 -5.67 -11.31
N CYS C 102 15.35 -4.41 -11.75
CA CYS C 102 16.45 -3.57 -11.31
C CYS C 102 16.45 -3.21 -9.82
N TYR C 103 15.27 -3.06 -9.23
CA TYR C 103 15.21 -2.62 -7.84
C TYR C 103 14.92 -3.64 -6.76
N CYS C 104 15.23 -4.89 -6.98
CA CYS C 104 14.91 -5.91 -5.96
C CYS C 104 15.81 -7.12 -6.08
N ASP C 105 15.66 -8.06 -5.15
CA ASP C 105 16.47 -9.25 -5.18
C ASP C 105 15.67 -10.45 -5.51
N ILE C 106 14.40 -10.45 -5.10
CA ILE C 106 13.52 -11.58 -5.32
C ILE C 106 12.14 -11.06 -5.70
N ILE C 107 11.47 -11.78 -6.59
CA ILE C 107 10.17 -11.36 -7.06
C ILE C 107 9.11 -12.44 -6.87
N GLY C 108 7.98 -12.05 -6.29
CA GLY C 108 6.86 -12.94 -6.11
C GLY C 108 5.81 -12.44 -7.09
N VAL C 109 5.18 -13.34 -7.83
CA VAL C 109 4.18 -12.94 -8.81
C VAL C 109 2.90 -13.70 -8.63
N ARG C 110 1.77 -12.99 -8.60
CA ARG C 110 0.48 -13.66 -8.46
C ARG C 110 -0.23 -13.39 -9.77
N SER C 111 -0.34 -14.40 -10.60
CA SER C 111 -1.04 -14.26 -11.88
C SER C 111 -2.35 -15.02 -11.78
N PHE C 112 -3.02 -15.25 -12.91
CA PHE C 112 -4.35 -15.86 -12.86
C PHE C 112 -4.79 -16.50 -14.17
N ALA C 113 -5.74 -17.41 -14.08
CA ALA C 113 -6.30 -18.06 -15.24
C ALA C 113 -7.45 -17.18 -15.74
N ARG C 114 -7.34 -16.76 -16.99
CA ARG C 114 -8.34 -15.89 -17.63
C ARG C 114 -9.62 -16.62 -18.00
N PHE C 115 -9.48 -17.89 -18.35
CA PHE C 115 -10.60 -18.75 -18.75
C PHE C 115 -11.21 -18.49 -20.13
N GLU C 116 -10.60 -17.65 -20.94
CA GLU C 116 -11.18 -17.47 -22.26
C GLU C 116 -10.38 -18.25 -23.29
N ASN C 117 -9.21 -18.76 -22.90
CA ASN C 117 -8.36 -19.51 -23.82
C ASN C 117 -7.40 -20.39 -23.04
N ARG C 118 -7.70 -21.69 -23.04
CA ARG C 118 -6.90 -22.65 -22.30
C ARG C 118 -5.42 -22.67 -22.62
N GLU C 119 -5.08 -22.71 -23.91
CA GLU C 119 -3.69 -22.77 -24.32
C GLU C 119 -2.91 -21.60 -23.69
N TYR C 120 -3.49 -20.42 -23.74
CA TYR C 120 -2.82 -19.26 -23.15
C TYR C 120 -2.64 -19.40 -21.61
N ASP C 121 -3.71 -19.78 -20.91
CA ASP C 121 -3.66 -19.93 -19.46
C ASP C 121 -2.61 -20.94 -19.05
N TYR C 122 -2.62 -22.10 -19.69
CA TYR C 122 -1.68 -23.14 -19.35
C TYR C 122 -0.25 -22.85 -19.78
N ASN C 123 -0.07 -21.82 -20.60
CA ASN C 123 1.29 -21.44 -20.97
C ASN C 123 1.90 -20.57 -19.85
N GLU C 124 1.10 -20.16 -18.86
CA GLU C 124 1.64 -19.38 -17.73
C GLU C 124 2.49 -18.22 -18.24
N VAL C 125 1.93 -17.45 -19.14
CA VAL C 125 2.66 -16.37 -19.75
C VAL C 125 3.27 -15.28 -18.87
N ILE C 126 2.49 -14.75 -17.94
CA ILE C 126 3.02 -13.70 -17.08
C ILE C 126 4.14 -14.20 -16.20
N ILE C 127 3.97 -15.35 -15.58
CA ILE C 127 5.02 -15.78 -14.70
C ILE C 127 6.27 -16.18 -15.48
N ASN C 128 6.11 -16.78 -16.66
CA ASN C 128 7.26 -17.15 -17.47
C ASN C 128 8.00 -15.94 -18.02
N GLN C 129 7.28 -14.85 -18.26
CA GLN C 129 7.93 -13.62 -18.74
C GLN C 129 8.88 -13.07 -17.65
N PHE C 130 8.41 -13.08 -16.41
CA PHE C 130 9.22 -12.59 -15.30
C PHE C 130 10.43 -13.53 -15.07
N ILE C 131 10.22 -14.84 -15.17
CA ILE C 131 11.33 -15.75 -14.98
C ILE C 131 12.35 -15.53 -16.08
N GLN C 132 11.89 -15.40 -17.31
CA GLN C 132 12.80 -15.23 -18.42
C GLN C 132 13.48 -13.84 -18.48
N HIS C 133 12.74 -12.80 -18.12
CA HIS C 133 13.27 -11.46 -18.25
C HIS C 133 13.58 -10.58 -17.03
N SER C 134 13.16 -10.97 -15.82
CA SER C 134 13.41 -10.09 -14.68
C SER C 134 14.84 -10.02 -14.22
N GLY C 135 15.57 -11.11 -14.41
CA GLY C 135 16.94 -11.17 -13.97
C GLY C 135 17.00 -11.50 -12.48
N ARG C 136 15.86 -11.92 -11.90
CA ARG C 136 15.79 -12.25 -10.48
C ARG C 136 15.09 -13.57 -10.24
N PRO C 137 15.30 -14.17 -9.06
CA PRO C 137 14.57 -15.43 -8.90
C PRO C 137 13.08 -15.11 -8.71
N VAL C 138 12.23 -15.91 -9.34
CA VAL C 138 10.79 -15.71 -9.27
C VAL C 138 10.05 -16.83 -8.57
N PHE C 139 9.09 -16.48 -7.70
CA PHE C 139 8.27 -17.53 -7.08
C PHE C 139 6.82 -17.17 -7.32
N SER C 140 6.01 -18.22 -7.41
CA SER C 140 4.61 -18.04 -7.66
C SER C 140 3.83 -17.84 -6.36
N MET C 141 2.98 -16.80 -6.37
CA MET C 141 2.10 -16.54 -5.23
C MET C 141 0.69 -17.03 -5.65
N GLU C 142 0.69 -17.89 -6.65
CA GLU C 142 -0.46 -18.52 -7.29
C GLU C 142 -0.42 -18.06 -8.72
N ALA C 143 -0.37 -19.04 -9.61
CA ALA C 143 -0.30 -18.81 -11.04
C ALA C 143 -1.63 -19.23 -11.63
N ALA C 144 -1.65 -19.36 -12.95
CA ALA C 144 -2.89 -19.76 -13.60
C ALA C 144 -3.20 -21.23 -13.37
N THR C 145 -2.16 -22.05 -13.20
CA THR C 145 -2.33 -23.49 -13.11
C THR C 145 -1.68 -24.20 -11.97
N ARG C 146 -0.99 -23.46 -11.11
CA ARG C 146 -0.35 -24.04 -9.94
C ARG C 146 -0.44 -23.01 -8.79
N HIS C 147 -0.19 -23.48 -7.57
CA HIS C 147 -0.19 -22.61 -6.38
C HIS C 147 0.73 -23.42 -5.44
N PRO C 148 2.04 -23.47 -5.76
CA PRO C 148 2.97 -24.23 -4.91
C PRO C 148 3.15 -23.77 -3.45
N LEU C 149 3.00 -22.48 -3.15
CA LEU C 149 3.09 -22.04 -1.74
C LEU C 149 1.96 -22.72 -0.95
N GLN C 150 0.78 -22.84 -1.57
CA GLN C 150 -0.37 -23.46 -0.92
C GLN C 150 -0.12 -24.96 -0.73
N SER C 151 0.21 -25.65 -1.82
CA SER C 151 0.47 -27.08 -1.74
C SER C 151 1.56 -27.42 -0.73
N PHE C 152 2.65 -26.63 -0.71
CA PHE C 152 3.74 -26.88 0.24
C PHE C 152 3.16 -26.72 1.70
N ALA C 153 2.37 -25.68 1.95
CA ALA C 153 1.75 -25.52 3.29
C ALA C 153 0.88 -26.75 3.57
N ASP C 154 0.15 -27.20 2.55
CA ASP C 154 -0.67 -28.38 2.73
C ASP C 154 0.18 -29.59 3.11
N LEU C 155 1.33 -29.78 2.45
CA LEU C 155 2.23 -30.90 2.76
C LEU C 155 2.74 -30.83 4.19
N ILE C 156 3.20 -29.66 4.61
CA ILE C 156 3.67 -29.49 5.98
C ILE C 156 2.56 -29.90 6.96
N THR C 157 1.32 -29.48 6.65
CA THR C 157 0.15 -29.76 7.50
C THR C 157 -0.08 -31.28 7.64
N ILE C 158 -0.09 -31.98 6.51
CA ILE C 158 -0.30 -33.42 6.56
C ILE C 158 0.83 -34.11 7.37
N GLU C 159 2.08 -33.69 7.19
CA GLU C 159 3.17 -34.28 7.97
C GLU C 159 3.02 -33.96 9.44
N GLU C 160 2.55 -32.76 9.72
CA GLU C 160 2.37 -32.30 11.10
C GLU C 160 1.26 -33.06 11.81
N TYR C 161 0.25 -33.46 11.07
CA TYR C 161 -0.89 -34.14 11.68
C TYR C 161 -1.03 -35.65 11.46
N LYS C 162 -0.37 -36.17 10.43
CA LYS C 162 -0.53 -37.58 10.08
C LYS C 162 -0.24 -38.56 11.21
N LYS C 163 -1.05 -39.59 11.26
CA LYS C 163 -0.94 -40.61 12.28
C LYS C 163 -0.31 -41.90 11.73
N THR C 164 0.16 -41.83 10.48
CA THR C 164 0.80 -42.98 9.83
C THR C 164 1.79 -42.47 8.78
N ALA C 165 2.81 -43.27 8.46
CA ALA C 165 3.84 -42.84 7.50
C ALA C 165 3.33 -42.46 6.11
N ARG C 166 2.44 -43.26 5.56
CA ARG C 166 1.92 -43.01 4.23
C ARG C 166 0.39 -43.01 4.28
N PRO C 167 -0.19 -41.89 4.75
CA PRO C 167 -1.63 -41.77 4.87
C PRO C 167 -2.36 -41.83 3.53
N LYS C 168 -3.61 -42.25 3.57
CA LYS C 168 -4.42 -42.21 2.35
C LYS C 168 -5.01 -40.79 2.32
N VAL C 169 -4.66 -40.04 1.28
CA VAL C 169 -5.12 -38.67 1.12
C VAL C 169 -6.09 -38.58 -0.04
N VAL C 170 -7.27 -38.03 0.20
CA VAL C 170 -8.27 -37.92 -0.86
C VAL C 170 -8.60 -36.49 -1.22
N MET C 171 -8.42 -36.14 -2.49
CA MET C 171 -8.81 -34.81 -2.91
C MET C 171 -10.17 -34.95 -3.57
N THR C 172 -11.15 -34.19 -3.10
CA THR C 172 -12.50 -34.23 -3.66
C THR C 172 -13.00 -32.88 -4.15
N TRP C 173 -13.72 -32.91 -5.26
CA TRP C 173 -14.38 -31.75 -5.84
C TRP C 173 -15.58 -31.51 -4.91
N ALA C 174 -16.11 -30.29 -4.96
CA ALA C 174 -17.30 -29.88 -4.21
C ALA C 174 -17.88 -28.70 -5.02
N PRO C 175 -19.21 -28.54 -5.02
CA PRO C 175 -19.87 -27.46 -5.78
C PRO C 175 -19.60 -26.04 -5.34
N HIS C 176 -19.67 -25.13 -6.30
CA HIS C 176 -19.42 -23.72 -6.06
C HIS C 176 -20.16 -22.91 -7.11
N PRO C 177 -20.69 -21.75 -6.74
CA PRO C 177 -21.42 -20.87 -7.67
C PRO C 177 -20.60 -20.20 -8.80
N ARG C 178 -19.29 -20.09 -8.61
CA ARG C 178 -18.44 -19.44 -9.62
C ARG C 178 -17.48 -20.42 -10.29
N PRO C 179 -16.95 -20.02 -11.46
CA PRO C 179 -16.01 -20.91 -12.15
C PRO C 179 -14.65 -20.67 -11.48
N LEU C 180 -14.04 -21.71 -10.90
CA LEU C 180 -12.74 -21.50 -10.24
C LEU C 180 -11.57 -22.13 -11.00
N PRO C 181 -10.37 -21.53 -10.90
CA PRO C 181 -9.22 -22.10 -11.59
C PRO C 181 -8.85 -23.50 -11.09
N GLN C 182 -8.07 -24.20 -11.91
CA GLN C 182 -7.61 -25.53 -11.57
C GLN C 182 -6.31 -25.46 -10.78
N ALA C 183 -5.80 -24.25 -10.55
CA ALA C 183 -4.53 -24.06 -9.85
C ALA C 183 -4.33 -24.85 -8.57
N VAL C 184 -5.26 -24.75 -7.61
CA VAL C 184 -5.06 -25.48 -6.35
C VAL C 184 -5.09 -27.00 -6.53
N PRO C 185 -6.14 -27.56 -7.20
CA PRO C 185 -6.19 -29.02 -7.40
C PRO C 185 -5.00 -29.56 -8.22
N ASN C 186 -4.64 -28.90 -9.31
CA ASN C 186 -3.45 -29.33 -10.11
C ASN C 186 -2.23 -29.38 -9.19
N SER C 187 -1.99 -28.27 -8.49
CA SER C 187 -0.83 -28.13 -7.61
C SER C 187 -0.86 -29.17 -6.48
N PHE C 188 -2.04 -29.38 -5.90
CA PHE C 188 -2.12 -30.35 -4.81
C PHE C 188 -1.75 -31.71 -5.38
N ALA C 189 -2.34 -32.07 -6.53
CA ALA C 189 -2.04 -33.36 -7.15
C ALA C 189 -0.56 -33.50 -7.42
N GLU C 190 0.05 -32.45 -7.98
CA GLU C 190 1.47 -32.48 -8.29
C GLU C 190 2.33 -32.77 -7.04
N TRP C 191 2.00 -32.12 -5.92
CA TRP C 191 2.77 -32.34 -4.70
C TRP C 191 2.51 -33.70 -4.09
N MET C 192 1.25 -34.12 -4.04
CA MET C 192 0.96 -35.45 -3.46
C MET C 192 1.69 -36.53 -4.29
N ASN C 193 1.83 -36.31 -5.60
CA ASN C 193 2.53 -37.29 -6.44
C ASN C 193 4.03 -37.40 -6.09
N ALA C 194 4.55 -36.38 -5.41
CA ALA C 194 5.94 -36.39 -5.05
C ALA C 194 6.13 -37.08 -3.72
N THR C 195 5.02 -37.50 -3.09
CA THR C 195 5.13 -38.16 -1.78
C THR C 195 4.89 -39.62 -2.00
N ASP C 196 4.91 -40.37 -0.89
CA ASP C 196 4.65 -41.80 -0.89
C ASP C 196 3.25 -42.07 -0.33
N TYR C 197 2.43 -41.03 -0.25
CA TYR C 197 1.07 -41.19 0.29
C TYR C 197 0.21 -41.92 -0.71
N GLU C 198 -0.86 -42.54 -0.22
CA GLU C 198 -1.79 -43.16 -1.12
C GLU C 198 -2.70 -42.01 -1.52
N PHE C 199 -2.65 -41.59 -2.78
CA PHE C 199 -3.45 -40.46 -3.24
C PHE C 199 -4.56 -40.77 -4.23
N VAL C 200 -5.77 -40.34 -3.86
CA VAL C 200 -6.99 -40.52 -4.66
C VAL C 200 -7.65 -39.19 -5.00
N ILE C 201 -8.14 -39.06 -6.23
CA ILE C 201 -8.85 -37.87 -6.67
C ILE C 201 -10.27 -38.32 -7.00
N THR C 202 -11.26 -37.58 -6.54
CA THR C 202 -12.66 -37.92 -6.82
C THR C 202 -13.38 -36.64 -7.22
N HIS C 203 -14.17 -36.71 -8.29
CA HIS C 203 -14.90 -35.57 -8.79
C HIS C 203 -15.92 -36.10 -9.78
N PRO C 204 -16.93 -35.28 -10.13
CA PRO C 204 -17.98 -35.67 -11.07
C PRO C 204 -17.36 -35.92 -12.46
N GLU C 205 -18.08 -36.65 -13.30
CA GLU C 205 -17.60 -36.90 -14.65
C GLU C 205 -17.51 -35.55 -15.38
N GLY C 206 -16.50 -35.39 -16.22
CA GLY C 206 -16.35 -34.12 -16.92
C GLY C 206 -15.41 -33.13 -16.24
N TYR C 207 -15.14 -33.35 -14.95
CA TYR C 207 -14.24 -32.48 -14.19
C TYR C 207 -12.79 -32.97 -14.11
N GLU C 208 -12.39 -33.87 -15.03
CA GLU C 208 -11.02 -34.37 -14.98
C GLU C 208 -10.01 -33.26 -15.20
N LEU C 209 -8.86 -33.43 -14.55
CA LEU C 209 -7.76 -32.48 -14.61
C LEU C 209 -6.74 -32.92 -15.63
N ASP C 210 -5.85 -32.01 -15.98
CA ASP C 210 -4.78 -32.26 -16.92
C ASP C 210 -3.93 -33.43 -16.44
N PRO C 211 -3.79 -34.48 -17.26
CA PRO C 211 -2.99 -35.67 -16.88
C PRO C 211 -1.60 -35.25 -16.43
N LYS C 212 -1.14 -34.11 -16.93
CA LYS C 212 0.15 -33.57 -16.56
C LYS C 212 0.18 -33.44 -15.03
N PHE C 213 -0.95 -33.03 -14.47
CA PHE C 213 -1.07 -32.85 -13.03
C PHE C 213 -1.63 -34.05 -12.25
N VAL C 214 -2.59 -34.77 -12.81
CA VAL C 214 -3.19 -35.92 -12.10
C VAL C 214 -2.13 -36.95 -11.72
N GLY C 215 -1.09 -37.06 -12.56
CA GLY C 215 -0.01 -37.98 -12.28
C GLY C 215 -0.49 -39.38 -11.98
N ASN C 216 0.16 -40.03 -11.01
CA ASN C 216 -0.22 -41.39 -10.66
C ASN C 216 -1.38 -41.49 -9.66
N ALA C 217 -2.19 -40.46 -9.52
CA ALA C 217 -3.30 -40.55 -8.59
C ALA C 217 -4.32 -41.55 -9.10
N ARG C 218 -5.02 -42.18 -8.18
CA ARG C 218 -6.07 -43.10 -8.58
C ARG C 218 -7.32 -42.22 -8.66
N VAL C 219 -7.99 -42.21 -9.82
CA VAL C 219 -9.20 -41.41 -9.97
C VAL C 219 -10.43 -42.26 -9.67
N GLU C 220 -11.24 -41.84 -8.71
CA GLU C 220 -12.42 -42.60 -8.32
C GLU C 220 -13.67 -41.73 -8.46
N TYR C 221 -14.53 -42.05 -9.42
CA TYR C 221 -15.71 -41.24 -9.63
C TYR C 221 -16.82 -41.40 -8.60
N ASP C 222 -16.73 -42.41 -7.75
CA ASP C 222 -17.73 -42.61 -6.70
C ASP C 222 -17.14 -41.94 -5.44
N GLN C 223 -17.64 -40.77 -5.08
CA GLN C 223 -17.07 -40.07 -3.92
C GLN C 223 -17.14 -40.89 -2.63
N MET C 224 -18.25 -41.58 -2.38
CA MET C 224 -18.34 -42.37 -1.15
C MET C 224 -17.27 -43.49 -1.11
N LYS C 225 -16.94 -44.05 -2.26
CA LYS C 225 -15.93 -45.10 -2.34
C LYS C 225 -14.55 -44.49 -2.18
N ALA C 226 -14.34 -43.30 -2.73
CA ALA C 226 -13.04 -42.64 -2.62
C ALA C 226 -12.74 -42.39 -1.15
N PHE C 227 -13.75 -41.95 -0.41
CA PHE C 227 -13.55 -41.63 1.00
C PHE C 227 -13.22 -42.80 1.89
N GLU C 228 -13.60 -44.00 1.48
CA GLU C 228 -13.36 -45.19 2.29
C GLU C 228 -11.97 -45.29 2.87
N GLY C 229 -11.87 -45.31 4.19
CA GLY C 229 -10.58 -45.43 4.84
C GLY C 229 -9.61 -44.26 4.72
N ALA C 230 -10.09 -43.11 4.26
CA ALA C 230 -9.22 -41.94 4.10
C ALA C 230 -8.67 -41.44 5.44
N ASP C 231 -7.47 -40.86 5.39
CA ASP C 231 -6.87 -40.30 6.58
C ASP C 231 -6.94 -38.77 6.47
N PHE C 232 -6.98 -38.27 5.23
CA PHE C 232 -7.07 -36.83 5.03
C PHE C 232 -7.99 -36.61 3.88
N ILE C 233 -8.83 -35.58 4.01
CA ILE C 233 -9.77 -35.15 2.96
C ILE C 233 -9.41 -33.69 2.61
N TYR C 234 -9.05 -33.46 1.35
CA TYR C 234 -8.72 -32.11 0.87
C TYR C 234 -9.83 -31.74 -0.12
N ALA C 235 -10.74 -30.88 0.31
CA ALA C 235 -11.86 -30.46 -0.53
C ALA C 235 -11.53 -29.23 -1.33
N LYS C 236 -11.94 -29.19 -2.61
CA LYS C 236 -11.71 -27.99 -3.44
C LYS C 236 -12.57 -28.05 -4.69
N ASN C 237 -13.18 -26.92 -5.02
CA ASN C 237 -13.93 -26.86 -6.23
C ASN C 237 -13.04 -26.30 -7.35
N TRP C 238 -13.32 -26.72 -8.59
CA TRP C 238 -12.63 -26.16 -9.74
C TRP C 238 -13.61 -26.23 -10.89
N ALA C 239 -13.48 -25.29 -11.83
CA ALA C 239 -14.31 -25.26 -13.04
C ALA C 239 -13.74 -26.34 -13.97
N ALA C 240 -14.50 -26.73 -15.00
CA ALA C 240 -14.06 -27.80 -15.92
C ALA C 240 -12.79 -27.42 -16.66
N TYR C 241 -12.01 -28.43 -17.02
CA TYR C 241 -10.77 -28.23 -17.75
C TYR C 241 -10.77 -28.86 -19.15
N THR C 242 -11.23 -30.11 -19.25
CA THR C 242 -11.20 -30.83 -20.54
C THR C 242 -12.29 -30.58 -21.54
N GLY C 243 -12.00 -30.95 -22.80
CA GLY C 243 -12.97 -30.79 -23.87
C GLY C 243 -13.26 -29.33 -24.12
N ASP C 244 -14.47 -29.03 -24.55
CA ASP C 244 -14.84 -27.66 -24.81
C ASP C 244 -15.63 -27.06 -23.67
N ASN C 245 -15.35 -27.54 -22.47
CA ASN C 245 -16.01 -27.02 -21.27
C ASN C 245 -15.04 -26.17 -20.42
N TYR C 246 -13.84 -25.91 -20.97
CA TYR C 246 -12.84 -25.16 -20.25
C TYR C 246 -13.37 -23.90 -19.61
N GLY C 247 -13.20 -23.83 -18.29
CA GLY C 247 -13.62 -22.67 -17.53
C GLY C 247 -15.10 -22.60 -17.18
N GLN C 248 -15.83 -23.67 -17.45
CA GLN C 248 -17.26 -23.68 -17.18
C GLN C 248 -17.71 -24.55 -16.02
N ILE C 249 -18.86 -24.19 -15.49
CA ILE C 249 -19.48 -24.96 -14.42
C ILE C 249 -20.40 -25.99 -15.09
N LEU C 250 -20.14 -27.26 -14.82
CA LEU C 250 -20.93 -28.34 -15.38
C LEU C 250 -21.89 -28.86 -14.32
N SER C 251 -21.56 -28.64 -13.05
CA SER C 251 -22.41 -29.12 -11.97
C SER C 251 -22.35 -28.28 -10.70
N THR C 252 -23.40 -28.39 -9.88
CA THR C 252 -23.49 -27.68 -8.59
C THR C 252 -24.17 -28.62 -7.58
N ASP C 253 -24.00 -29.91 -7.84
CA ASP C 253 -24.55 -31.00 -7.06
C ASP C 253 -24.04 -31.03 -5.61
N ARG C 254 -24.91 -30.69 -4.66
CA ARG C 254 -24.51 -30.68 -3.25
C ARG C 254 -24.43 -32.04 -2.60
N ASN C 255 -24.57 -33.10 -3.40
CA ASN C 255 -24.38 -34.43 -2.86
C ASN C 255 -22.87 -34.52 -2.63
N TRP C 256 -22.12 -33.70 -3.38
CA TRP C 256 -20.67 -33.68 -3.21
C TRP C 256 -20.23 -32.85 -2.00
N THR C 257 -21.11 -32.01 -1.46
CA THR C 257 -20.78 -31.18 -0.29
C THR C 257 -20.32 -32.11 0.81
N VAL C 258 -19.13 -31.87 1.36
CA VAL C 258 -18.60 -32.76 2.38
C VAL C 258 -19.25 -32.64 3.76
N GLY C 259 -19.96 -33.69 4.15
CA GLY C 259 -20.64 -33.72 5.44
C GLY C 259 -20.33 -35.02 6.19
N ASP C 260 -21.07 -35.30 7.27
CA ASP C 260 -20.81 -36.52 8.01
C ASP C 260 -21.11 -37.78 7.21
N ARG C 261 -22.03 -37.69 6.26
CA ARG C 261 -22.32 -38.86 5.45
C ARG C 261 -21.00 -39.37 4.85
N GLN C 262 -20.22 -38.51 4.20
CA GLN C 262 -18.95 -38.99 3.63
C GLN C 262 -17.82 -39.22 4.65
N MET C 263 -17.70 -38.33 5.63
CA MET C 263 -16.64 -38.46 6.63
C MET C 263 -16.76 -39.73 7.46
N ALA C 264 -17.99 -40.19 7.66
CA ALA C 264 -18.22 -41.40 8.47
C ALA C 264 -17.50 -42.61 7.89
N VAL C 265 -17.29 -42.58 6.59
CA VAL C 265 -16.65 -43.68 5.92
C VAL C 265 -15.11 -43.66 5.93
N THR C 266 -14.55 -42.53 6.35
CA THR C 266 -13.12 -42.37 6.46
C THR C 266 -12.66 -42.91 7.82
N ASN C 267 -11.35 -42.96 8.01
CA ASN C 267 -10.76 -43.37 9.28
C ASN C 267 -10.66 -42.14 10.17
N ASN C 268 -11.80 -41.51 10.45
CA ASN C 268 -11.91 -40.27 11.23
C ASN C 268 -10.90 -39.28 10.66
N ALA C 269 -10.93 -39.14 9.34
CA ALA C 269 -9.99 -38.30 8.62
C ALA C 269 -9.97 -36.84 9.00
N TYR C 270 -8.81 -36.24 8.81
CA TYR C 270 -8.67 -34.82 9.01
C TYR C 270 -9.35 -34.16 7.81
N PHE C 271 -9.86 -32.95 8.02
CA PHE C 271 -10.47 -32.20 6.93
C PHE C 271 -9.60 -30.97 6.66
N MET C 272 -9.29 -30.76 5.39
CA MET C 272 -8.47 -29.68 4.90
C MET C 272 -9.13 -28.93 3.73
N HIS C 273 -8.87 -27.62 3.63
CA HIS C 273 -9.34 -26.75 2.54
C HIS C 273 -8.40 -25.56 2.53
N CYS C 274 -7.97 -25.14 1.35
CA CYS C 274 -7.01 -24.04 1.18
C CYS C 274 -7.51 -22.66 1.60
N LEU C 275 -8.84 -22.49 1.60
CA LEU C 275 -9.53 -21.24 1.93
C LEU C 275 -9.47 -20.23 0.77
N PRO C 276 -10.48 -19.34 0.60
CA PRO C 276 -11.69 -19.20 1.42
C PRO C 276 -12.60 -20.40 1.14
N VAL C 277 -13.42 -20.78 2.12
CA VAL C 277 -14.30 -21.92 1.95
C VAL C 277 -15.78 -21.55 2.20
N ARG C 278 -16.66 -21.96 1.28
CA ARG C 278 -18.10 -21.69 1.43
C ARG C 278 -18.77 -22.86 2.15
N ARG C 279 -19.22 -22.57 3.37
CA ARG C 279 -19.86 -23.57 4.16
C ARG C 279 -21.16 -24.10 3.52
N ASN C 280 -21.36 -25.41 3.65
CA ASN C 280 -22.53 -26.13 3.14
C ASN C 280 -22.64 -26.13 1.61
N MET C 281 -21.51 -25.87 0.97
CA MET C 281 -21.41 -25.95 -0.48
C MET C 281 -20.19 -26.89 -0.56
N ILE C 282 -19.07 -26.45 0.01
CA ILE C 282 -17.87 -27.25 0.02
C ILE C 282 -17.91 -28.28 1.14
N VAL C 283 -18.18 -27.80 2.35
CA VAL C 283 -18.16 -28.65 3.53
C VAL C 283 -19.20 -28.13 4.55
N THR C 284 -19.76 -29.05 5.32
CA THR C 284 -20.78 -28.73 6.27
C THR C 284 -20.23 -28.07 7.56
N ASP C 285 -21.07 -27.31 8.27
CA ASP C 285 -20.62 -26.69 9.53
C ASP C 285 -20.07 -27.72 10.50
N ASP C 286 -20.78 -28.83 10.68
CA ASP C 286 -20.31 -29.84 11.61
C ASP C 286 -18.93 -30.41 11.25
N VAL C 287 -18.65 -30.58 9.97
CA VAL C 287 -17.36 -31.15 9.61
C VAL C 287 -16.22 -30.15 9.83
N ILE C 288 -16.41 -28.92 9.34
CA ILE C 288 -15.37 -27.91 9.43
C ILE C 288 -15.16 -27.43 10.87
N GLU C 289 -16.12 -27.71 11.75
CA GLU C 289 -15.94 -27.33 13.15
C GLU C 289 -15.58 -28.54 13.99
N SER C 290 -15.44 -29.71 13.39
CA SER C 290 -15.13 -30.87 14.20
C SER C 290 -13.65 -30.86 14.63
N PRO C 291 -13.28 -31.66 15.66
CA PRO C 291 -11.91 -31.75 16.18
C PRO C 291 -10.90 -32.08 15.09
N GLN C 292 -11.31 -32.85 14.07
CA GLN C 292 -10.38 -33.19 13.01
C GLN C 292 -10.31 -32.16 11.86
N SER C 293 -11.01 -31.03 11.97
CA SER C 293 -10.89 -30.04 10.91
C SER C 293 -9.59 -29.30 11.24
N ILE C 294 -8.68 -29.20 10.27
CA ILE C 294 -7.44 -28.51 10.54
C ILE C 294 -7.19 -27.35 9.59
N VAL C 295 -8.29 -26.76 9.11
CA VAL C 295 -8.23 -25.64 8.20
C VAL C 295 -7.41 -24.46 8.73
N ILE C 296 -7.53 -24.14 10.02
CA ILE C 296 -6.75 -23.03 10.54
C ILE C 296 -5.23 -23.33 10.64
N PRO C 297 -4.82 -24.46 11.27
CA PRO C 297 -3.36 -24.75 11.32
C PRO C 297 -2.81 -24.82 9.86
N GLU C 298 -3.64 -25.31 8.94
CA GLU C 298 -3.25 -25.40 7.53
C GLU C 298 -2.97 -23.99 7.00
N ALA C 299 -3.87 -23.04 7.29
CA ALA C 299 -3.67 -21.67 6.83
C ALA C 299 -2.43 -21.09 7.56
N ALA C 300 -2.24 -21.45 8.82
CA ALA C 300 -1.06 -20.95 9.53
C ALA C 300 0.23 -21.40 8.80
N ASN C 301 0.23 -22.63 8.29
CA ASN C 301 1.41 -23.14 7.60
C ASN C 301 1.75 -22.39 6.29
N ARG C 302 0.86 -21.54 5.77
CA ARG C 302 1.19 -20.73 4.57
C ARG C 302 2.37 -19.85 4.93
N GLU C 303 2.42 -19.41 6.19
CA GLU C 303 3.53 -18.57 6.60
C GLU C 303 4.85 -19.36 6.56
N ILE C 304 4.78 -20.62 6.97
CA ILE C 304 5.94 -21.51 7.01
C ILE C 304 6.44 -21.86 5.59
N SER C 305 5.57 -22.32 4.71
CA SER C 305 6.04 -22.66 3.35
C SER C 305 6.67 -21.47 2.68
N ALA C 306 6.08 -20.28 2.86
CA ALA C 306 6.68 -19.08 2.28
C ALA C 306 8.02 -18.70 2.93
N THR C 307 8.19 -18.92 4.25
CA THR C 307 9.50 -18.53 4.72
C THR C 307 10.56 -19.55 4.30
N VAL C 308 10.20 -20.82 4.19
CA VAL C 308 11.18 -21.83 3.72
C VAL C 308 11.58 -21.54 2.25
N VAL C 309 10.60 -21.14 1.44
CA VAL C 309 10.85 -20.81 0.05
C VAL C 309 11.73 -19.57 -0.05
N LEU C 310 11.37 -18.51 0.67
CA LEU C 310 12.18 -17.29 0.60
C LEU C 310 13.60 -17.55 1.10
N LYS C 311 13.73 -18.36 2.15
CA LYS C 311 15.05 -18.71 2.70
C LYS C 311 15.88 -19.49 1.65
N ARG C 312 15.28 -20.47 1.00
CA ARG C 312 16.01 -21.22 -0.04
C ARG C 312 16.45 -20.25 -1.12
N LEU C 313 15.56 -19.36 -1.55
CA LEU C 313 15.96 -18.42 -2.59
C LEU C 313 17.07 -17.49 -2.12
N LEU C 314 16.99 -17.01 -0.88
CA LEU C 314 18.03 -16.13 -0.35
C LEU C 314 19.36 -16.88 -0.33
N GLU C 315 19.36 -18.13 0.12
CA GLU C 315 20.57 -18.94 0.18
C GLU C 315 21.15 -19.18 -1.20
N ASN C 316 20.36 -18.95 -2.25
CA ASN C 316 20.86 -19.15 -3.58
C ASN C 316 21.18 -17.90 -4.35
N LEU C 317 21.15 -16.74 -3.69
CA LEU C 317 21.48 -15.50 -4.40
C LEU C 317 23.01 -15.48 -4.62
N PRO C 318 23.47 -14.72 -5.62
CA PRO C 318 24.90 -14.62 -5.91
C PRO C 318 25.56 -13.89 -4.74
P PO4 D . 5.49 5.97 -13.55
O1 PO4 D . 4.98 4.63 -13.97
O2 PO4 D . 4.33 6.92 -13.44
O3 PO4 D . 6.18 5.87 -12.24
O4 PO4 D . 6.45 6.47 -14.56
P PO4 E . -9.08 9.98 8.61
O1 PO4 E . -9.01 10.39 7.18
O2 PO4 E . -10.15 8.94 8.74
O3 PO4 E . -7.77 9.40 9.02
O4 PO4 E . -9.41 11.15 9.48
P PO4 F . -7.08 -14.09 -1.48
O1 PO4 F . -7.13 -12.83 -0.69
O2 PO4 F . -7.45 -13.81 -2.91
O3 PO4 F . -5.68 -14.66 -1.46
O4 PO4 F . -8.04 -15.07 -0.89
#